data_3H90
#
_entry.id   3H90
#
_cell.length_a   105.657
_cell.length_b   130.704
_cell.length_c   115.757
_cell.angle_alpha   90.00
_cell.angle_beta   93.28
_cell.angle_gamma   90.00
#
_symmetry.space_group_name_H-M   'P 1 21 1'
#
loop_
_entity.id
_entity.type
_entity.pdbx_description
1 polymer 'Ferrous-iron efflux pump fieF'
2 non-polymer 'MERCURY (II) ION'
3 non-polymer 'ZINC ION'
4 water water
#
_entity_poly.entity_id   1
_entity_poly.type   'polypeptide(L)'
_entity_poly.pdbx_seq_one_letter_code
;LVSRAAIAATAMASLLLLIKIFAWWYTGSVSILAALVDSLVDIGASLTNLLVVRYSLQPADDNHSFGHGKAESLAALAQS
MFISGSALFLFLTGIQHLISPTPMTDPGVGVIVTIVALICTIILVSFQRWVVRRTQSQAVRADMLHYQSDVMMNGAILLA
LGLSWYGWHRADALFALGIGIYILYSALRMGYEAVQSLLDRALPDEERQEIIDIVTSWPGVSGAHDLRTRQSGPTRFIQI
HLEMEDSLPLVQAHMVADQVEQAILRRFPGSDVIIHQDPCSVV
;
_entity_poly.pdbx_strand_id   A,B,C,D
#
loop_
_chem_comp.id
_chem_comp.type
_chem_comp.name
_chem_comp.formula
HG non-polymer 'MERCURY (II) ION' 'Hg 2'
ZN non-polymer 'ZINC ION' 'Zn 2'
#
# COMPACT_ATOMS: atom_id res chain seq x y z
N LEU A 1 -3.28 3.35 4.15
CA LEU A 1 -3.07 3.25 2.67
C LEU A 1 -3.06 1.81 2.15
N VAL A 2 -4.14 1.41 1.48
CA VAL A 2 -4.22 0.14 0.76
C VAL A 2 -3.65 0.32 -0.66
N SER A 3 -3.70 -0.72 -1.50
CA SER A 3 -3.17 -0.64 -2.86
C SER A 3 -4.29 -0.50 -3.89
N ARG A 4 -3.92 -0.51 -5.17
CA ARG A 4 -4.87 -0.40 -6.28
C ARG A 4 -5.96 -1.49 -6.34
N ALA A 5 -5.91 -2.44 -5.39
CA ALA A 5 -7.03 -3.34 -5.13
C ALA A 5 -8.18 -2.58 -4.47
N ALA A 6 -7.95 -1.29 -4.22
CA ALA A 6 -9.01 -0.37 -3.82
C ALA A 6 -10.07 -0.31 -4.92
N ILE A 7 -9.63 -0.36 -6.17
CA ILE A 7 -10.55 -0.37 -7.32
C ILE A 7 -11.25 -1.71 -7.47
N ALA A 8 -10.50 -2.80 -7.27
CA ALA A 8 -11.10 -4.12 -7.18
C ALA A 8 -12.35 -4.06 -6.28
N ALA A 9 -12.23 -3.39 -5.13
CA ALA A 9 -13.32 -3.27 -4.13
C ALA A 9 -14.57 -2.55 -4.63
N THR A 10 -14.40 -1.46 -5.39
CA THR A 10 -15.57 -0.72 -5.92
C THR A 10 -16.40 -1.55 -6.90
N ALA A 11 -15.72 -2.41 -7.64
CA ALA A 11 -16.34 -3.28 -8.62
C ALA A 11 -17.47 -4.15 -8.03
N MET A 12 -17.26 -4.69 -6.82
CA MET A 12 -18.34 -5.41 -6.12
C MET A 12 -19.30 -4.41 -5.51
N ALA A 13 -18.78 -3.24 -5.14
CA ALA A 13 -19.64 -2.20 -4.58
C ALA A 13 -20.70 -1.80 -5.59
N SER A 14 -20.37 -1.96 -6.88
CA SER A 14 -21.35 -1.84 -7.94
C SER A 14 -22.36 -2.99 -7.88
N LEU A 15 -21.86 -4.18 -7.54
CA LEU A 15 -22.71 -5.36 -7.35
C LEU A 15 -23.46 -5.30 -6.02
N LEU A 16 -23.27 -4.21 -5.28
CA LEU A 16 -24.11 -3.88 -4.13
C LEU A 16 -25.55 -3.72 -4.62
N LEU A 17 -25.67 -3.20 -5.85
CA LEU A 17 -26.96 -3.03 -6.48
C LEU A 17 -27.66 -4.37 -6.79
N LEU A 18 -26.98 -5.47 -6.46
CA LEU A 18 -27.60 -6.80 -6.39
C LEU A 18 -28.76 -6.82 -5.41
N ILE A 19 -28.59 -6.15 -4.26
CA ILE A 19 -29.68 -6.08 -3.29
C ILE A 19 -30.80 -5.16 -3.78
N LYS A 20 -30.45 -4.19 -4.64
CA LYS A 20 -31.42 -3.29 -5.23
C LYS A 20 -32.33 -4.00 -6.24
N ILE A 21 -31.79 -5.02 -6.91
CA ILE A 21 -32.58 -5.87 -7.80
C ILE A 21 -33.55 -6.70 -6.96
N PHE A 22 -33.15 -7.02 -5.73
CA PHE A 22 -34.04 -7.68 -4.80
C PHE A 22 -34.94 -6.68 -4.05
N ALA A 23 -34.47 -5.44 -3.93
CA ALA A 23 -35.29 -4.36 -3.36
C ALA A 23 -36.30 -3.86 -4.39
N TRP A 24 -36.53 -4.71 -5.39
CA TRP A 24 -37.65 -4.56 -6.32
C TRP A 24 -38.76 -5.47 -5.74
N TRP A 25 -40.00 -5.33 -6.21
CA TRP A 25 -41.07 -6.23 -5.74
C TRP A 25 -42.16 -6.63 -6.74
N TYR A 26 -42.38 -7.94 -6.80
CA TYR A 26 -43.53 -8.52 -7.48
C TYR A 26 -44.35 -9.39 -6.50
N THR A 27 -43.66 -10.21 -5.70
CA THR A 27 -44.31 -11.09 -4.72
C THR A 27 -44.67 -10.35 -3.43
N GLY A 28 -43.94 -9.27 -3.14
CA GLY A 28 -44.26 -8.38 -2.03
C GLY A 28 -45.49 -7.55 -2.34
N SER A 29 -45.49 -6.94 -3.53
CA SER A 29 -46.66 -6.23 -4.06
C SER A 29 -46.70 -6.39 -5.57
N VAL A 30 -47.79 -6.97 -6.07
CA VAL A 30 -47.94 -7.25 -7.50
C VAL A 30 -48.12 -5.96 -8.34
N SER A 31 -46.99 -5.32 -8.62
CA SER A 31 -46.94 -4.09 -9.41
C SER A 31 -45.57 -3.99 -10.06
N ILE A 32 -45.54 -3.44 -11.28
CA ILE A 32 -44.29 -3.40 -12.06
C ILE A 32 -44.03 -2.04 -12.73
N LEU A 33 -42.79 -1.58 -12.62
CA LEU A 33 -42.31 -0.40 -13.34
C LEU A 33 -41.07 -0.79 -14.17
N ALA A 34 -40.37 0.20 -14.73
CA ALA A 34 -39.26 -0.07 -15.65
C ALA A 34 -37.88 -0.16 -15.00
N ALA A 35 -37.71 0.51 -13.86
CA ALA A 35 -36.39 0.58 -13.20
C ALA A 35 -36.01 -0.69 -12.42
N LEU A 36 -36.52 -1.83 -12.88
CA LEU A 36 -36.10 -3.15 -12.40
C LEU A 36 -35.20 -3.82 -13.44
N VAL A 37 -35.23 -3.27 -14.66
CA VAL A 37 -34.46 -3.77 -15.79
C VAL A 37 -33.21 -2.93 -15.97
N ASP A 38 -33.35 -1.61 -15.78
CA ASP A 38 -32.20 -0.72 -15.75
C ASP A 38 -31.19 -1.21 -14.71
N SER A 39 -31.70 -1.71 -13.57
CA SER A 39 -30.85 -2.25 -12.52
C SER A 39 -30.54 -3.75 -12.69
N LEU A 40 -31.13 -4.38 -13.71
CA LEU A 40 -30.75 -5.73 -14.12
C LEU A 40 -29.64 -5.65 -15.17
N VAL A 41 -29.74 -4.62 -16.03
CA VAL A 41 -28.65 -4.23 -16.92
C VAL A 41 -27.41 -3.90 -16.08
N ASP A 42 -27.60 -3.11 -15.02
CA ASP A 42 -26.53 -2.72 -14.10
C ASP A 42 -25.72 -3.90 -13.57
N ILE A 43 -26.40 -4.93 -13.08
CA ILE A 43 -25.74 -6.14 -12.60
C ILE A 43 -24.79 -6.69 -13.66
N GLY A 44 -25.31 -6.91 -14.86
CA GLY A 44 -24.49 -7.42 -15.97
C GLY A 44 -23.33 -6.51 -16.33
N ALA A 45 -23.67 -5.30 -16.78
CA ALA A 45 -22.71 -4.27 -17.16
C ALA A 45 -21.56 -4.16 -16.17
N SER A 46 -21.87 -3.79 -14.94
CA SER A 46 -20.82 -3.56 -13.95
C SER A 46 -20.23 -4.84 -13.37
N LEU A 47 -20.84 -5.98 -13.65
CA LEU A 47 -20.20 -7.26 -13.35
C LEU A 47 -19.11 -7.54 -14.39
N THR A 48 -19.44 -7.30 -15.67
CA THR A 48 -18.45 -7.33 -16.74
C THR A 48 -17.31 -6.43 -16.34
N ASN A 49 -17.65 -5.20 -15.94
CA ASN A 49 -16.64 -4.23 -15.52
C ASN A 49 -15.70 -4.76 -14.43
N LEU A 50 -16.24 -5.50 -13.46
CA LEU A 50 -15.42 -6.13 -12.42
C LEU A 50 -14.40 -7.10 -13.01
N LEU A 51 -14.87 -7.92 -13.94
CA LEU A 51 -14.00 -8.86 -14.64
C LEU A 51 -12.91 -8.15 -15.43
N VAL A 52 -13.29 -7.08 -16.14
CA VAL A 52 -12.34 -6.34 -16.97
C VAL A 52 -11.26 -5.68 -16.12
N VAL A 53 -11.61 -5.11 -14.97
CA VAL A 53 -10.59 -4.51 -14.09
C VAL A 53 -9.68 -5.61 -13.55
N ARG A 54 -10.28 -6.74 -13.17
CA ARG A 54 -9.53 -7.88 -12.65
C ARG A 54 -8.52 -8.38 -13.69
N TYR A 55 -8.90 -8.27 -14.98
CA TYR A 55 -7.96 -8.50 -16.08
C TYR A 55 -6.93 -7.39 -16.11
N SER A 56 -7.41 -6.16 -15.97
CA SER A 56 -6.57 -4.96 -15.96
C SER A 56 -5.42 -5.05 -14.95
N LEU A 57 -5.66 -5.73 -13.83
CA LEU A 57 -4.70 -5.77 -12.73
C LEU A 57 -3.59 -6.81 -12.85
N GLN A 58 -3.72 -7.71 -13.82
CA GLN A 58 -2.71 -8.75 -14.04
C GLN A 58 -1.37 -8.15 -14.40
N PRO A 59 -0.28 -8.75 -13.91
CA PRO A 59 1.06 -8.26 -14.22
C PRO A 59 1.51 -8.71 -15.61
N ALA A 60 2.70 -8.27 -16.01
CA ALA A 60 3.30 -8.59 -17.31
C ALA A 60 3.16 -10.06 -17.69
N ASP A 61 2.70 -10.27 -18.93
CA ASP A 61 2.27 -11.56 -19.46
C ASP A 61 3.36 -12.07 -20.35
N ASP A 62 3.09 -13.16 -21.07
CA ASP A 62 4.01 -13.54 -22.12
C ASP A 62 3.78 -12.70 -23.36
N ASN A 63 2.52 -12.48 -23.72
CA ASN A 63 2.22 -11.64 -24.88
C ASN A 63 1.60 -10.28 -24.57
N HIS A 64 1.63 -9.90 -23.30
CA HIS A 64 1.46 -8.50 -22.89
C HIS A 64 2.67 -8.09 -22.05
N SER A 65 3.76 -7.73 -22.73
CA SER A 65 5.05 -7.50 -22.06
C SER A 65 5.11 -6.13 -21.38
N PHE A 66 4.19 -5.27 -21.78
CA PHE A 66 3.85 -4.06 -21.04
C PHE A 66 2.64 -4.40 -20.15
N GLY A 67 1.86 -3.42 -19.73
CA GLY A 67 0.75 -3.75 -18.83
C GLY A 67 -0.39 -4.61 -19.37
N HIS A 68 -1.48 -4.65 -18.60
CA HIS A 68 -2.77 -5.01 -19.09
C HIS A 68 -3.61 -3.75 -18.84
N GLY A 69 -2.90 -2.67 -18.46
CA GLY A 69 -3.53 -1.43 -17.99
C GLY A 69 -4.66 -0.94 -18.87
N LYS A 70 -4.36 -0.78 -20.16
CA LYS A 70 -5.29 -0.30 -21.19
C LYS A 70 -6.71 -0.89 -21.11
N ALA A 71 -6.80 -2.10 -20.53
CA ALA A 71 -8.09 -2.73 -20.32
C ALA A 71 -9.07 -1.74 -19.70
N GLU A 72 -8.57 -0.97 -18.73
CA GLU A 72 -9.39 0.07 -18.08
C GLU A 72 -9.93 1.09 -19.09
N SER A 73 -9.04 1.66 -19.88
CA SER A 73 -9.43 2.67 -20.86
C SER A 73 -10.41 2.14 -21.91
N LEU A 74 -10.22 0.88 -22.32
CA LEU A 74 -11.21 0.18 -23.15
C LEU A 74 -12.52 0.16 -22.39
N ALA A 75 -12.49 -0.43 -21.19
CA ALA A 75 -13.69 -0.55 -20.34
C ALA A 75 -14.39 0.81 -20.17
N ALA A 76 -13.60 1.86 -20.03
CA ALA A 76 -14.12 3.22 -19.98
C ALA A 76 -14.81 3.53 -21.30
N LEU A 77 -14.03 3.51 -22.38
CA LEU A 77 -14.55 3.84 -23.71
C LEU A 77 -15.80 3.05 -24.05
N ALA A 78 -15.85 1.78 -23.64
CA ALA A 78 -17.06 0.97 -23.78
C ALA A 78 -18.24 1.66 -23.09
N GLN A 79 -18.03 2.00 -21.83
CA GLN A 79 -19.10 2.54 -20.98
C GLN A 79 -19.51 3.92 -21.45
N SER A 80 -18.52 4.74 -21.79
CA SER A 80 -18.78 6.11 -22.26
C SER A 80 -19.70 6.15 -23.49
N MET A 81 -19.59 5.16 -24.38
CA MET A 81 -20.49 5.07 -25.54
C MET A 81 -21.91 4.72 -25.11
N PHE A 82 -22.03 3.72 -24.22
CA PHE A 82 -23.33 3.26 -23.72
C PHE A 82 -24.01 4.30 -22.81
N ILE A 83 -23.21 5.04 -22.06
CA ILE A 83 -23.72 6.11 -21.22
C ILE A 83 -24.03 7.34 -22.09
N SER A 84 -23.21 7.54 -23.12
CA SER A 84 -23.44 8.60 -24.10
C SER A 84 -24.69 8.32 -24.95
N GLY A 85 -25.10 7.06 -25.01
CA GLY A 85 -26.30 6.66 -25.72
C GLY A 85 -27.56 6.94 -24.93
N SER A 86 -27.60 6.42 -23.69
CA SER A 86 -28.71 6.62 -22.77
C SER A 86 -29.02 8.09 -22.50
N ALA A 87 -28.00 8.94 -22.70
CA ALA A 87 -28.12 10.37 -22.44
C ALA A 87 -28.69 11.16 -23.61
N LEU A 88 -28.43 10.70 -24.83
CA LEU A 88 -29.08 11.28 -26.01
C LEU A 88 -30.53 10.76 -26.08
N PHE A 89 -30.71 9.51 -25.66
CA PHE A 89 -32.02 8.90 -25.55
C PHE A 89 -32.91 9.72 -24.62
N LEU A 90 -32.34 10.17 -23.50
CA LEU A 90 -33.09 10.91 -22.49
C LEU A 90 -33.17 12.41 -22.77
N PHE A 91 -32.31 12.93 -23.63
CA PHE A 91 -32.41 14.33 -24.06
C PHE A 91 -33.48 14.48 -25.14
N LEU A 92 -33.56 13.49 -26.02
CA LEU A 92 -34.59 13.47 -27.06
C LEU A 92 -35.95 13.11 -26.48
N THR A 93 -35.95 12.39 -25.35
CA THR A 93 -37.17 12.17 -24.57
C THR A 93 -37.53 13.45 -23.84
N GLY A 94 -36.52 14.27 -23.55
CA GLY A 94 -36.69 15.58 -22.91
C GLY A 94 -37.50 16.56 -23.73
N ILE A 95 -37.24 16.61 -25.04
CA ILE A 95 -38.04 17.41 -25.97
C ILE A 95 -39.25 16.64 -26.51
N GLN A 96 -39.23 15.31 -26.38
CA GLN A 96 -40.35 14.47 -26.82
C GLN A 96 -41.58 14.80 -26.00
N HIS A 97 -41.62 14.40 -24.74
CA HIS A 97 -42.72 14.80 -23.88
C HIS A 97 -42.49 16.15 -23.18
N LEU A 98 -42.12 17.15 -23.98
CA LEU A 98 -42.18 18.54 -23.57
C LEU A 98 -43.66 18.91 -23.60
N ILE A 99 -44.47 18.04 -22.99
CA ILE A 99 -45.93 18.02 -23.07
C ILE A 99 -46.44 17.99 -24.53
N SER A 100 -45.83 17.11 -25.33
CA SER A 100 -46.34 16.80 -26.68
C SER A 100 -47.44 15.74 -26.56
N PRO A 101 -47.17 14.61 -25.87
CA PRO A 101 -48.31 13.87 -25.34
C PRO A 101 -48.88 14.63 -24.15
N THR A 102 -48.40 14.33 -22.95
CA THR A 102 -48.87 14.94 -21.69
C THR A 102 -48.05 14.39 -20.52
N PRO A 103 -47.93 15.16 -19.40
CA PRO A 103 -47.36 14.60 -18.17
C PRO A 103 -48.15 13.35 -17.72
N MET A 104 -47.63 12.17 -18.09
CA MET A 104 -48.37 10.91 -17.93
C MET A 104 -48.00 10.10 -16.69
N THR A 105 -46.79 10.31 -16.15
CA THR A 105 -46.36 9.61 -14.94
C THR A 105 -47.08 10.18 -13.71
N ASP A 106 -48.40 10.01 -13.70
CA ASP A 106 -49.27 10.47 -12.62
C ASP A 106 -49.52 9.43 -11.54
N PRO A 107 -49.55 8.12 -11.91
CA PRO A 107 -49.76 7.09 -10.89
C PRO A 107 -48.81 7.25 -9.71
N GLY A 108 -49.37 7.58 -8.54
CA GLY A 108 -48.61 7.69 -7.31
C GLY A 108 -48.21 6.32 -6.79
N VAL A 109 -47.67 5.50 -7.69
CA VAL A 109 -47.23 4.14 -7.38
C VAL A 109 -46.15 4.14 -6.30
N GLY A 110 -46.18 3.12 -5.44
CA GLY A 110 -45.25 2.99 -4.31
C GLY A 110 -43.85 3.50 -4.61
N VAL A 111 -43.67 4.81 -4.41
CA VAL A 111 -42.42 5.50 -4.75
C VAL A 111 -41.32 5.18 -3.73
N ILE A 112 -41.64 4.31 -2.78
CA ILE A 112 -40.68 3.82 -1.77
C ILE A 112 -39.51 3.07 -2.43
N VAL A 113 -39.73 2.67 -3.68
CA VAL A 113 -38.65 2.12 -4.51
C VAL A 113 -37.65 3.22 -4.90
N THR A 114 -38.13 4.26 -5.57
CA THR A 114 -37.25 5.31 -6.11
C THR A 114 -36.55 6.16 -5.04
N ILE A 115 -37.15 6.25 -3.85
CA ILE A 115 -36.46 6.90 -2.72
C ILE A 115 -35.36 6.01 -2.14
N VAL A 116 -35.65 4.71 -1.98
CA VAL A 116 -34.61 3.75 -1.59
C VAL A 116 -33.54 3.69 -2.68
N ALA A 117 -33.98 3.64 -3.94
CA ALA A 117 -33.10 3.71 -5.11
C ALA A 117 -32.08 4.83 -4.96
N LEU A 118 -32.56 6.06 -4.73
CA LEU A 118 -31.67 7.17 -4.42
C LEU A 118 -30.71 6.80 -3.30
N ILE A 119 -31.26 6.45 -2.13
CA ILE A 119 -30.49 6.30 -0.91
C ILE A 119 -29.31 5.30 -0.96
N CYS A 120 -29.48 4.17 -1.65
CA CYS A 120 -28.39 3.21 -1.79
C CYS A 120 -27.51 3.46 -3.03
N THR A 121 -28.04 4.20 -4.00
CA THR A 121 -27.24 4.66 -5.13
C THR A 121 -26.35 5.81 -4.67
N ILE A 122 -26.93 6.75 -3.90
CA ILE A 122 -26.17 7.82 -3.25
C ILE A 122 -24.97 7.21 -2.49
N ILE A 123 -25.23 6.14 -1.73
CA ILE A 123 -24.20 5.44 -0.96
C ILE A 123 -23.06 4.99 -1.86
N LEU A 124 -23.41 4.30 -2.94
CA LEU A 124 -22.45 3.76 -3.91
C LEU A 124 -21.60 4.89 -4.49
N VAL A 125 -22.26 5.81 -5.19
CA VAL A 125 -21.61 6.92 -5.90
C VAL A 125 -20.54 7.64 -5.08
N SER A 126 -20.74 7.70 -3.76
CA SER A 126 -19.74 8.31 -2.90
C SER A 126 -18.57 7.39 -2.58
N PHE A 127 -18.85 6.11 -2.36
CA PHE A 127 -17.75 5.16 -2.22
C PHE A 127 -16.93 5.17 -3.50
N GLN A 128 -17.63 5.12 -4.63
CA GLN A 128 -17.03 5.27 -5.95
C GLN A 128 -16.21 6.56 -6.05
N ARG A 129 -16.81 7.70 -5.73
CA ARG A 129 -16.07 8.96 -5.73
C ARG A 129 -14.85 8.88 -4.84
N TRP A 130 -14.94 8.15 -3.73
CA TRP A 130 -13.81 8.00 -2.84
C TRP A 130 -12.62 7.29 -3.50
N VAL A 131 -12.90 6.19 -4.20
CA VAL A 131 -11.85 5.49 -4.94
C VAL A 131 -11.34 6.26 -6.14
N VAL A 132 -12.24 6.91 -6.88
CA VAL A 132 -11.83 7.78 -7.99
C VAL A 132 -10.79 8.80 -7.50
N ARG A 133 -11.03 9.39 -6.33
CA ARG A 133 -10.09 10.34 -5.75
C ARG A 133 -8.79 9.65 -5.33
N ARG A 134 -8.89 8.50 -4.66
CA ARG A 134 -7.73 7.77 -4.12
C ARG A 134 -6.85 7.20 -5.22
N THR A 135 -7.48 6.70 -6.27
CA THR A 135 -6.80 6.07 -7.40
C THR A 135 -7.50 6.48 -8.68
N GLN A 136 -6.76 7.11 -9.57
CA GLN A 136 -7.35 7.85 -10.69
C GLN A 136 -8.22 7.07 -11.68
N SER A 137 -8.63 5.87 -11.29
CA SER A 137 -9.23 4.87 -12.17
C SER A 137 -10.22 5.34 -13.25
N GLN A 138 -9.71 5.38 -14.49
CA GLN A 138 -10.47 5.49 -15.73
C GLN A 138 -11.70 4.61 -15.67
N ALA A 139 -11.45 3.34 -15.34
CA ALA A 139 -12.47 2.30 -15.32
C ALA A 139 -13.58 2.55 -14.34
N VAL A 140 -13.24 2.91 -13.10
CA VAL A 140 -14.27 3.08 -12.08
C VAL A 140 -15.00 4.41 -12.24
N ARG A 141 -14.32 5.38 -12.85
CA ARG A 141 -14.92 6.68 -13.08
C ARG A 141 -16.09 6.53 -14.04
N ALA A 142 -15.88 5.79 -15.12
CA ALA A 142 -16.93 5.50 -16.09
C ALA A 142 -18.12 4.78 -15.44
N ASP A 143 -17.83 3.71 -14.71
CA ASP A 143 -18.87 2.94 -14.03
C ASP A 143 -19.64 3.82 -13.05
N MET A 144 -18.94 4.79 -12.48
CA MET A 144 -19.58 5.76 -11.60
C MET A 144 -20.52 6.68 -12.39
N LEU A 145 -20.04 7.17 -13.54
CA LEU A 145 -20.81 8.12 -14.34
C LEU A 145 -22.22 7.64 -14.54
N HIS A 146 -22.37 6.36 -14.89
CA HIS A 146 -23.72 5.81 -15.04
C HIS A 146 -24.54 5.92 -13.77
N TYR A 147 -23.97 5.51 -12.64
CA TYR A 147 -24.68 5.60 -11.37
C TYR A 147 -24.98 7.06 -10.99
N GLN A 148 -24.10 7.97 -11.41
CA GLN A 148 -24.37 9.41 -11.28
C GLN A 148 -25.63 9.83 -12.06
N SER A 149 -25.92 9.14 -13.16
CA SER A 149 -27.19 9.35 -13.86
C SER A 149 -28.34 8.70 -13.15
N ASP A 150 -28.09 7.56 -12.51
CA ASP A 150 -29.10 6.89 -11.70
C ASP A 150 -29.43 7.71 -10.45
N VAL A 151 -28.44 8.42 -9.93
CA VAL A 151 -28.68 9.36 -8.83
C VAL A 151 -29.58 10.52 -9.26
N MET A 152 -29.55 10.86 -10.55
CA MET A 152 -30.53 11.79 -11.13
C MET A 152 -31.92 11.12 -11.23
N MET A 153 -32.49 10.83 -10.07
CA MET A 153 -33.75 10.15 -9.88
C MET A 153 -34.74 11.16 -9.28
N ASN A 154 -35.93 11.24 -9.87
CA ASN A 154 -36.91 12.28 -9.51
C ASN A 154 -38.15 11.85 -8.73
N GLY A 155 -37.92 11.47 -7.49
CA GLY A 155 -38.92 11.60 -6.44
C GLY A 155 -38.70 12.99 -5.90
N ALA A 156 -38.33 13.90 -6.79
CA ALA A 156 -38.18 15.31 -6.51
C ALA A 156 -39.05 16.06 -7.51
N ILE A 157 -40.05 15.35 -8.04
CA ILE A 157 -41.11 15.96 -8.83
C ILE A 157 -42.15 16.59 -7.90
N LEU A 158 -42.35 17.89 -8.07
CA LEU A 158 -43.29 18.63 -7.25
C LEU A 158 -44.67 18.00 -7.36
N LEU A 159 -45.33 17.77 -6.22
CA LEU A 159 -46.71 17.25 -6.19
C LEU A 159 -47.70 18.25 -5.59
N ALA A 160 -47.22 19.10 -4.68
CA ALA A 160 -48.03 20.16 -4.07
C ALA A 160 -48.07 21.40 -4.97
N LEU A 161 -46.89 21.94 -5.29
CA LEU A 161 -46.75 22.95 -6.34
C LEU A 161 -47.01 22.28 -7.68
N GLY A 162 -46.69 20.99 -7.75
CA GLY A 162 -47.00 20.12 -8.89
C GLY A 162 -46.39 20.55 -10.20
N LEU A 163 -47.23 20.58 -11.23
CA LEU A 163 -46.88 21.13 -12.52
C LEU A 163 -46.78 22.66 -12.34
N SER A 164 -47.75 23.39 -12.89
CA SER A 164 -47.87 24.84 -12.70
C SER A 164 -49.25 25.31 -13.16
N TRP A 165 -49.73 26.41 -12.58
CA TRP A 165 -51.03 26.99 -12.93
C TRP A 165 -51.11 27.29 -14.43
N TYR A 166 -52.08 26.67 -15.09
CA TYR A 166 -52.10 26.53 -16.56
C TYR A 166 -51.93 27.80 -17.39
N GLY A 167 -51.10 27.68 -18.43
CA GLY A 167 -50.64 28.82 -19.23
C GLY A 167 -49.12 28.83 -19.29
N TRP A 168 -48.51 28.45 -18.17
CA TRP A 168 -47.06 28.32 -18.03
C TRP A 168 -46.76 26.90 -17.55
N HIS A 169 -46.81 25.95 -18.50
CA HIS A 169 -46.77 24.51 -18.19
C HIS A 169 -45.47 24.03 -17.54
N ARG A 170 -45.55 22.88 -16.86
CA ARG A 170 -44.42 22.26 -16.18
C ARG A 170 -44.55 20.75 -16.11
N ALA A 171 -43.43 20.04 -16.27
CA ALA A 171 -43.39 18.59 -16.20
C ALA A 171 -41.98 18.10 -15.88
N ASP A 172 -41.70 16.83 -16.20
CA ASP A 172 -40.36 16.26 -16.07
C ASP A 172 -39.43 16.88 -17.10
N ALA A 173 -40.02 17.34 -18.21
CA ALA A 173 -39.29 17.87 -19.37
C ALA A 173 -38.07 18.74 -19.06
N LEU A 174 -38.23 19.67 -18.12
CA LEU A 174 -37.14 20.59 -17.78
C LEU A 174 -35.96 19.87 -17.13
N PHE A 175 -36.27 18.90 -16.27
CA PHE A 175 -35.24 18.11 -15.59
C PHE A 175 -34.70 16.99 -16.49
N ALA A 176 -35.59 16.18 -17.04
CA ALA A 176 -35.22 15.06 -17.92
C ALA A 176 -34.42 15.50 -19.16
N LEU A 177 -34.65 16.72 -19.62
CA LEU A 177 -33.87 17.31 -20.71
C LEU A 177 -32.52 17.82 -20.19
N GLY A 178 -32.55 18.49 -19.04
CA GLY A 178 -31.36 19.05 -18.42
C GLY A 178 -30.27 18.05 -18.12
N ILE A 179 -30.63 16.96 -17.45
CA ILE A 179 -29.72 15.84 -17.18
C ILE A 179 -29.13 15.33 -18.48
N GLY A 180 -29.98 15.18 -19.48
CA GLY A 180 -29.58 14.68 -20.80
C GLY A 180 -28.42 15.41 -21.44
N ILE A 181 -28.41 16.74 -21.36
CA ILE A 181 -27.36 17.54 -21.97
C ILE A 181 -26.07 17.42 -21.18
N TYR A 182 -26.19 17.44 -19.86
CA TYR A 182 -25.03 17.38 -18.97
C TYR A 182 -24.33 16.02 -19.02
N ILE A 183 -25.08 14.94 -18.87
CA ILE A 183 -24.51 13.60 -18.87
C ILE A 183 -24.00 13.19 -20.25
N LEU A 184 -24.65 13.64 -21.33
CA LEU A 184 -24.11 13.39 -22.68
C LEU A 184 -22.75 14.03 -22.78
N TYR A 185 -22.68 15.30 -22.41
CA TYR A 185 -21.42 16.02 -22.36
C TYR A 185 -20.40 15.31 -21.46
N SER A 186 -20.85 14.90 -20.28
CA SER A 186 -19.99 14.25 -19.30
C SER A 186 -19.43 12.93 -19.79
N ALA A 187 -20.26 12.13 -20.47
CA ALA A 187 -19.82 10.84 -21.02
C ALA A 187 -18.94 11.02 -22.26
N LEU A 188 -19.25 12.07 -23.03
CA LEU A 188 -18.52 12.39 -24.24
C LEU A 188 -17.07 12.79 -23.92
N ARG A 189 -16.90 13.61 -22.87
CA ARG A 189 -15.59 14.02 -22.36
C ARG A 189 -14.86 12.81 -21.79
N MET A 190 -15.58 12.01 -21.00
CA MET A 190 -15.08 10.78 -20.39
C MET A 190 -14.46 9.86 -21.45
N GLY A 191 -15.23 9.61 -22.51
CA GLY A 191 -14.78 8.79 -23.63
C GLY A 191 -13.54 9.34 -24.31
N TYR A 192 -13.59 10.63 -24.61
CA TYR A 192 -12.48 11.31 -25.26
C TYR A 192 -11.15 11.11 -24.51
N GLU A 193 -11.21 11.11 -23.18
CA GLU A 193 -10.01 10.83 -22.38
C GLU A 193 -9.58 9.38 -22.49
N ALA A 194 -10.56 8.49 -22.64
CA ALA A 194 -10.29 7.06 -22.83
C ALA A 194 -9.53 6.81 -24.13
N VAL A 195 -10.04 7.31 -25.26
CA VAL A 195 -9.40 7.10 -26.55
C VAL A 195 -8.04 7.76 -26.51
N GLN A 196 -7.96 8.80 -25.71
CA GLN A 196 -6.76 9.58 -25.64
C GLN A 196 -5.64 8.84 -24.90
N SER A 197 -5.99 7.85 -24.09
CA SER A 197 -5.02 7.03 -23.36
C SER A 197 -4.78 5.81 -24.18
N LEU A 198 -5.75 5.53 -25.06
CA LEU A 198 -5.64 4.43 -26.01
C LEU A 198 -4.71 4.78 -27.15
N LEU A 199 -4.81 6.01 -27.69
CA LEU A 199 -3.68 6.62 -28.39
C LEU A 199 -2.60 6.74 -27.32
N ASP A 200 -1.34 6.57 -27.63
CA ASP A 200 -0.43 6.68 -26.50
C ASP A 200 -0.10 8.13 -26.23
N ARG A 201 -1.02 8.83 -25.55
CA ARG A 201 -0.83 10.25 -25.27
C ARG A 201 0.13 10.47 -24.13
N ALA A 202 0.92 11.54 -24.24
CA ALA A 202 1.93 11.93 -23.25
C ALA A 202 1.34 12.26 -21.88
N LEU A 203 2.23 12.27 -20.87
CA LEU A 203 1.87 12.63 -19.50
C LEU A 203 1.50 14.12 -19.41
N PRO A 204 0.76 14.53 -18.36
CA PRO A 204 0.46 15.95 -18.17
C PRO A 204 1.72 16.76 -18.04
N ASP A 205 1.75 17.94 -18.64
CA ASP A 205 2.95 18.81 -18.65
C ASP A 205 3.70 18.93 -17.33
N GLU A 206 2.95 18.96 -16.25
CA GLU A 206 3.47 18.95 -14.88
C GLU A 206 4.41 17.77 -14.66
N GLU A 207 3.91 16.55 -14.88
CA GLU A 207 4.66 15.33 -14.65
C GLU A 207 5.86 15.30 -15.56
N ARG A 208 5.68 15.82 -16.77
CA ARG A 208 6.73 15.83 -17.78
C ARG A 208 7.89 16.72 -17.35
N GLN A 209 7.57 17.84 -16.72
CA GLN A 209 8.56 18.79 -16.23
C GLN A 209 9.36 18.24 -15.06
N GLU A 210 8.65 17.62 -14.12
CA GLU A 210 9.30 16.95 -12.98
C GLU A 210 10.41 15.99 -13.43
N ILE A 211 10.10 15.15 -14.41
CA ILE A 211 11.07 14.26 -15.06
C ILE A 211 12.26 15.06 -15.63
N ILE A 212 12.00 16.11 -16.40
CA ILE A 212 13.08 16.94 -16.97
C ILE A 212 13.96 17.52 -15.88
N ASP A 213 13.32 18.05 -14.82
CA ASP A 213 14.05 18.60 -13.68
C ASP A 213 14.90 17.53 -13.00
N ILE A 214 14.26 16.41 -12.65
CA ILE A 214 14.94 15.29 -11.99
C ILE A 214 16.22 14.93 -12.72
N VAL A 215 16.13 14.92 -14.04
CA VAL A 215 17.19 14.39 -14.88
C VAL A 215 18.32 15.39 -15.02
N THR A 216 17.99 16.59 -15.49
CA THR A 216 19.00 17.61 -15.84
C THR A 216 19.80 18.09 -14.62
N SER A 217 19.14 18.13 -13.46
CA SER A 217 19.78 18.42 -12.19
C SER A 217 20.88 17.43 -11.80
N TRP A 218 20.69 16.16 -12.16
CA TRP A 218 21.55 15.06 -11.68
C TRP A 218 23.04 15.22 -11.99
N PRO A 219 23.91 14.93 -11.01
CA PRO A 219 25.37 15.00 -11.14
C PRO A 219 25.94 14.44 -12.44
N GLY A 220 25.87 13.13 -12.65
CA GLY A 220 26.50 12.51 -13.85
C GLY A 220 26.10 12.99 -15.26
N VAL A 221 24.81 13.23 -15.47
CA VAL A 221 24.29 13.59 -16.79
C VAL A 221 24.75 14.96 -17.25
N SER A 222 24.92 15.10 -18.56
CA SER A 222 25.36 16.35 -19.13
C SER A 222 24.21 16.95 -19.91
N GLY A 223 23.63 16.16 -20.79
CA GLY A 223 22.37 16.51 -21.43
C GLY A 223 21.45 15.33 -21.38
N ALA A 224 20.19 15.54 -21.77
CA ALA A 224 19.23 14.46 -21.95
C ALA A 224 18.36 14.86 -23.11
N HIS A 225 18.02 13.94 -24.02
CA HIS A 225 17.38 14.40 -25.24
C HIS A 225 16.02 13.87 -25.67
N ASP A 226 15.89 12.57 -25.79
CA ASP A 226 14.62 12.04 -26.27
C ASP A 226 13.82 11.64 -25.06
N LEU A 227 12.66 12.23 -24.85
CA LEU A 227 11.87 11.88 -23.68
C LEU A 227 10.48 11.56 -24.15
N ARG A 228 10.11 10.29 -24.03
CA ARG A 228 8.74 9.90 -24.34
C ARG A 228 8.05 9.31 -23.14
N THR A 229 6.76 9.64 -23.03
CA THR A 229 5.91 9.36 -21.88
C THR A 229 4.51 8.92 -22.29
N ARG A 230 3.89 8.14 -21.42
CA ARG A 230 2.54 7.64 -21.59
C ARG A 230 2.22 6.89 -20.33
N GLN A 231 0.94 6.68 -20.04
CA GLN A 231 0.58 5.68 -19.05
C GLN A 231 -0.48 4.77 -19.57
N SER A 232 -0.39 3.50 -19.17
CA SER A 232 -1.44 2.53 -19.39
C SER A 232 -2.02 2.23 -18.01
N GLY A 233 -3.32 2.52 -17.87
CA GLY A 233 -3.97 2.48 -16.56
C GLY A 233 -3.24 3.28 -15.49
N PRO A 234 -2.78 2.61 -14.43
CA PRO A 234 -2.02 3.24 -13.37
C PRO A 234 -0.56 3.46 -13.76
N THR A 235 0.13 2.42 -14.24
CA THR A 235 1.57 2.51 -14.45
C THR A 235 1.96 3.38 -15.65
N ARG A 236 2.95 4.24 -15.45
CA ARG A 236 3.41 5.19 -16.47
C ARG A 236 4.72 4.78 -17.07
N PHE A 237 4.86 4.99 -18.38
CA PHE A 237 6.02 4.54 -19.10
C PHE A 237 6.88 5.72 -19.50
N ILE A 238 8.17 5.64 -19.20
CA ILE A 238 9.05 6.75 -19.40
C ILE A 238 10.32 6.28 -20.12
N GLN A 239 10.69 6.92 -21.20
CA GLN A 239 12.03 6.64 -21.71
C GLN A 239 12.75 7.92 -22.04
N ILE A 240 14.08 7.85 -22.02
CA ILE A 240 14.90 9.03 -22.20
C ILE A 240 16.32 8.66 -22.66
N HIS A 241 17.00 9.57 -23.35
CA HIS A 241 18.40 9.38 -23.62
C HIS A 241 19.21 10.26 -22.67
N LEU A 242 20.14 9.69 -21.93
CA LEU A 242 21.01 10.51 -21.09
C LEU A 242 22.32 10.67 -21.80
N GLU A 243 22.91 11.87 -21.74
CA GLU A 243 24.22 12.10 -22.38
C GLU A 243 25.37 12.16 -21.35
N MET A 244 25.94 11.00 -21.07
CA MET A 244 27.14 10.94 -20.23
C MET A 244 28.42 11.16 -21.02
N GLU A 245 29.52 11.31 -20.29
CA GLU A 245 30.80 11.63 -20.87
C GLU A 245 31.36 10.47 -21.69
N ASP A 246 31.76 10.80 -22.92
CA ASP A 246 32.29 9.90 -23.94
C ASP A 246 33.18 8.79 -23.38
N SER A 247 34.15 9.17 -22.54
CA SER A 247 35.20 8.26 -22.07
C SER A 247 34.86 7.38 -20.84
N LEU A 248 33.68 7.58 -20.26
CA LEU A 248 33.30 6.85 -19.05
C LEU A 248 33.31 5.35 -19.30
N PRO A 249 33.79 4.56 -18.32
CA PRO A 249 33.51 3.14 -18.31
C PRO A 249 32.02 2.88 -18.27
N LEU A 250 31.59 1.73 -18.79
CA LEU A 250 30.17 1.43 -18.91
C LEU A 250 29.58 1.27 -17.55
N VAL A 251 30.27 0.53 -16.68
CA VAL A 251 29.77 0.25 -15.34
C VAL A 251 29.46 1.54 -14.58
N GLN A 252 30.33 2.54 -14.77
CA GLN A 252 30.13 3.87 -14.24
C GLN A 252 28.96 4.56 -14.91
N ALA A 253 28.97 4.70 -16.23
CA ALA A 253 27.83 5.31 -16.91
C ALA A 253 26.51 4.69 -16.47
N HIS A 254 26.46 3.36 -16.37
CA HIS A 254 25.22 2.70 -15.95
C HIS A 254 24.81 3.12 -14.55
N MET A 255 25.80 3.38 -13.68
CA MET A 255 25.51 3.84 -12.32
C MET A 255 24.75 5.16 -12.33
N VAL A 256 25.34 6.22 -12.89
CA VAL A 256 24.59 7.48 -13.07
C VAL A 256 23.23 7.25 -13.70
N ALA A 257 23.16 6.47 -14.75
CA ALA A 257 21.86 6.16 -15.38
C ALA A 257 20.90 5.42 -14.44
N ASP A 258 21.43 4.52 -13.63
CA ASP A 258 20.63 3.74 -12.71
C ASP A 258 20.04 4.63 -11.63
N GLN A 259 20.84 5.59 -11.17
CA GLN A 259 20.34 6.53 -10.18
C GLN A 259 19.22 7.41 -10.77
N VAL A 260 19.47 7.99 -11.94
CA VAL A 260 18.47 8.83 -12.54
C VAL A 260 17.19 8.02 -12.67
N GLU A 261 17.32 6.77 -13.08
CA GLU A 261 16.16 5.91 -13.20
C GLU A 261 15.50 5.82 -11.84
N GLN A 262 16.31 5.51 -10.84
CA GLN A 262 15.86 5.23 -9.49
C GLN A 262 15.17 6.43 -8.85
N ALA A 263 15.65 7.62 -9.21
CA ALA A 263 15.00 8.87 -8.84
C ALA A 263 13.60 8.95 -9.44
N ILE A 264 13.48 8.90 -10.76
CA ILE A 264 12.18 8.99 -11.41
C ILE A 264 11.23 7.99 -10.79
N LEU A 265 11.78 6.88 -10.34
CA LEU A 265 10.96 5.78 -9.85
C LEU A 265 10.39 6.05 -8.46
N ARG A 266 11.10 6.86 -7.68
CA ARG A 266 10.63 7.27 -6.36
C ARG A 266 9.53 8.29 -6.55
N ARG A 267 9.73 9.22 -7.49
CA ARG A 267 8.77 10.29 -7.70
C ARG A 267 7.44 9.86 -8.26
N PHE A 268 7.46 8.97 -9.23
CA PHE A 268 6.24 8.40 -9.75
C PHE A 268 6.29 6.91 -9.43
N PRO A 269 5.87 6.52 -8.21
CA PRO A 269 5.89 5.09 -7.90
C PRO A 269 4.98 4.32 -8.87
N GLY A 270 5.28 3.04 -9.06
CA GLY A 270 4.56 2.22 -10.04
C GLY A 270 5.15 2.30 -11.44
N SER A 271 5.79 3.42 -11.74
CA SER A 271 6.34 3.69 -13.07
C SER A 271 7.34 2.69 -13.57
N ASP A 272 7.56 2.75 -14.88
CA ASP A 272 8.48 1.88 -15.56
C ASP A 272 9.33 2.78 -16.47
N VAL A 273 10.61 2.94 -16.11
CA VAL A 273 11.47 3.75 -16.96
C VAL A 273 12.54 2.93 -17.65
N ILE A 274 13.03 3.48 -18.75
CA ILE A 274 14.10 2.86 -19.50
C ILE A 274 15.01 3.95 -20.09
N ILE A 275 16.30 3.87 -19.74
CA ILE A 275 17.25 4.89 -20.09
C ILE A 275 18.22 4.34 -21.15
N HIS A 276 18.19 4.95 -22.32
CA HIS A 276 19.26 4.79 -23.30
C HIS A 276 20.37 5.78 -22.95
N GLN A 277 21.61 5.31 -22.77
CA GLN A 277 22.72 6.25 -22.55
C GLN A 277 23.56 6.48 -23.81
N ASP A 278 23.70 7.76 -24.17
CA ASP A 278 24.50 8.25 -25.29
C ASP A 278 25.74 8.94 -24.73
N PRO A 279 26.86 9.00 -25.50
CA PRO A 279 28.08 9.68 -25.10
C PRO A 279 28.10 11.18 -25.43
N CYS A 280 28.86 11.61 -26.44
CA CYS A 280 28.63 12.90 -27.09
C CYS A 280 28.81 12.83 -28.61
N SER A 281 27.65 12.64 -29.23
CA SER A 281 27.44 12.48 -30.64
C SER A 281 26.01 13.00 -30.87
N VAL A 282 25.82 14.27 -30.55
CA VAL A 282 24.55 14.99 -30.61
C VAL A 282 24.93 16.46 -30.75
N VAL A 283 24.22 17.23 -31.57
CA VAL A 283 24.61 18.65 -31.73
C VAL A 283 23.85 19.62 -30.82
N LEU B 1 18.27 -14.38 -1.84
CA LEU B 1 18.14 -13.75 -0.50
C LEU B 1 16.70 -13.35 -0.16
N VAL B 2 16.17 -13.94 0.91
CA VAL B 2 14.84 -13.63 1.43
C VAL B 2 14.87 -12.28 2.17
N SER B 3 13.71 -11.76 2.58
CA SER B 3 13.64 -10.47 3.26
C SER B 3 13.78 -10.60 4.77
N ARG B 4 12.98 -9.85 5.52
CA ARG B 4 12.97 -9.87 6.96
C ARG B 4 11.86 -10.78 7.49
N ALA B 5 11.32 -11.60 6.59
CA ALA B 5 10.51 -12.78 6.94
C ALA B 5 11.42 -13.87 7.46
N ALA B 6 12.73 -13.70 7.27
CA ALA B 6 13.74 -14.57 7.88
C ALA B 6 13.58 -14.66 9.40
N ILE B 7 13.15 -13.58 10.05
CA ILE B 7 12.89 -13.61 11.51
C ILE B 7 11.54 -14.23 11.86
N ALA B 8 10.51 -13.89 11.09
CA ALA B 8 9.17 -14.46 11.26
C ALA B 8 9.26 -15.98 11.11
N ALA B 9 10.25 -16.43 10.34
CA ALA B 9 10.50 -17.85 10.16
C ALA B 9 10.94 -18.46 11.46
N THR B 10 12.08 -17.98 11.98
CA THR B 10 12.63 -18.53 13.22
C THR B 10 11.69 -18.37 14.42
N ALA B 11 10.64 -17.59 14.26
CA ALA B 11 9.58 -17.55 15.26
C ALA B 11 8.85 -18.89 15.30
N MET B 12 8.43 -19.40 14.14
CA MET B 12 7.85 -20.74 14.05
C MET B 12 8.88 -21.79 14.38
N ALA B 13 10.09 -21.57 13.88
CA ALA B 13 11.18 -22.51 14.12
C ALA B 13 11.30 -22.89 15.59
N SER B 14 10.96 -21.98 16.49
CA SER B 14 10.98 -22.26 17.92
C SER B 14 9.79 -23.09 18.39
N LEU B 15 8.74 -23.09 17.59
CA LEU B 15 7.61 -24.00 17.80
C LEU B 15 7.89 -25.41 17.19
N LEU B 16 9.16 -25.69 16.94
CA LEU B 16 9.68 -27.04 16.85
C LEU B 16 9.40 -27.68 18.19
N LEU B 17 9.56 -26.88 19.25
CA LEU B 17 9.35 -27.34 20.62
C LEU B 17 7.89 -27.66 20.89
N LEU B 18 7.12 -27.77 19.82
CA LEU B 18 5.82 -28.37 19.89
C LEU B 18 5.99 -29.90 19.84
N ILE B 19 6.94 -30.38 19.01
CA ILE B 19 7.23 -31.83 18.97
C ILE B 19 8.13 -32.27 20.12
N LYS B 20 8.84 -31.34 20.74
CA LYS B 20 9.66 -31.71 21.89
C LYS B 20 8.79 -31.83 23.14
N ILE B 21 7.63 -31.17 23.12
CA ILE B 21 6.64 -31.36 24.19
C ILE B 21 5.92 -32.68 23.98
N PHE B 22 5.95 -33.20 22.75
CA PHE B 22 5.32 -34.48 22.45
C PHE B 22 6.31 -35.66 22.55
N ALA B 23 7.59 -35.41 22.31
CA ALA B 23 8.63 -36.43 22.49
C ALA B 23 8.93 -36.63 23.98
N TRP B 24 8.03 -36.13 24.82
CA TRP B 24 7.99 -36.44 26.24
C TRP B 24 7.05 -37.63 26.35
N TRP B 25 7.08 -38.38 27.45
CA TRP B 25 6.10 -39.46 27.62
C TRP B 25 5.57 -39.80 29.02
N TYR B 26 4.25 -39.89 29.08
CA TYR B 26 3.52 -40.43 30.23
C TYR B 26 2.80 -41.72 29.82
N THR B 27 2.03 -41.67 28.73
CA THR B 27 1.29 -42.84 28.23
C THR B 27 2.20 -43.83 27.50
N GLY B 28 3.41 -43.37 27.16
CA GLY B 28 4.48 -44.25 26.72
C GLY B 28 5.01 -45.00 27.94
N SER B 29 5.95 -44.40 28.64
CA SER B 29 6.43 -44.94 29.92
C SER B 29 6.09 -43.99 31.07
N VAL B 30 5.68 -44.57 32.19
CA VAL B 30 5.18 -43.80 33.33
C VAL B 30 6.27 -43.31 34.30
N SER B 31 7.31 -42.69 33.74
CA SER B 31 8.37 -42.09 34.53
C SER B 31 8.00 -40.65 34.90
N ILE B 32 8.77 -40.02 35.78
CA ILE B 32 8.52 -38.63 36.18
C ILE B 32 9.76 -37.72 36.15
N LEU B 33 9.67 -36.67 35.35
CA LEU B 33 10.66 -35.59 35.31
C LEU B 33 10.00 -34.33 34.74
N ALA B 34 10.34 -33.17 35.30
CA ALA B 34 9.61 -31.92 35.05
C ALA B 34 10.16 -31.04 33.93
N ALA B 35 11.18 -31.51 33.21
CA ALA B 35 11.70 -30.79 32.05
C ALA B 35 10.71 -30.84 30.88
N LEU B 36 9.49 -31.26 31.18
CA LEU B 36 8.38 -31.28 30.23
C LEU B 36 7.62 -29.97 30.32
N VAL B 37 7.66 -29.35 31.49
CA VAL B 37 7.05 -28.05 31.72
C VAL B 37 7.93 -26.99 31.08
N ASP B 38 9.24 -27.21 31.14
CA ASP B 38 10.23 -26.33 30.53
C ASP B 38 9.88 -26.03 29.07
N SER B 39 9.53 -27.06 28.31
CA SER B 39 9.19 -26.87 26.92
C SER B 39 7.72 -26.52 26.73
N LEU B 40 6.89 -26.76 27.75
CA LEU B 40 5.50 -26.28 27.71
C LEU B 40 5.48 -24.77 27.89
N VAL B 41 6.39 -24.25 28.70
CA VAL B 41 6.61 -22.81 28.81
C VAL B 41 7.04 -22.33 27.42
N ASP B 42 8.10 -22.93 26.89
CA ASP B 42 8.68 -22.54 25.59
C ASP B 42 7.67 -22.42 24.46
N ILE B 43 6.72 -23.35 24.40
CA ILE B 43 5.69 -23.32 23.37
C ILE B 43 4.85 -22.04 23.47
N GLY B 44 4.48 -21.66 24.70
CA GLY B 44 3.74 -20.44 24.97
C GLY B 44 4.64 -19.24 24.81
N ALA B 45 5.80 -19.29 25.46
CA ALA B 45 6.80 -18.22 25.42
C ALA B 45 7.15 -17.81 23.99
N SER B 46 7.63 -18.78 23.21
CA SER B 46 8.07 -18.54 21.85
C SER B 46 6.92 -18.17 20.92
N LEU B 47 5.72 -18.65 21.25
CA LEU B 47 4.52 -18.31 20.49
C LEU B 47 4.16 -16.83 20.65
N THR B 48 4.29 -16.33 21.88
CA THR B 48 4.11 -14.90 22.14
C THR B 48 5.10 -14.12 21.28
N ASN B 49 6.37 -14.53 21.33
CA ASN B 49 7.42 -13.90 20.57
C ASN B 49 7.07 -13.82 19.08
N LEU B 50 6.37 -14.84 18.58
CA LEU B 50 5.91 -14.80 17.20
C LEU B 50 4.85 -13.71 17.02
N LEU B 51 3.94 -13.61 17.98
CA LEU B 51 2.88 -12.60 17.93
C LEU B 51 3.46 -11.20 17.97
N VAL B 52 4.47 -11.01 18.80
CA VAL B 52 5.14 -9.71 18.96
C VAL B 52 6.05 -9.34 17.80
N VAL B 53 6.79 -10.30 17.23
CA VAL B 53 7.57 -10.02 16.00
C VAL B 53 6.64 -9.77 14.83
N ARG B 54 5.43 -10.32 14.89
CA ARG B 54 4.45 -10.06 13.86
C ARG B 54 3.90 -8.64 14.00
N TYR B 55 3.70 -8.20 15.25
CA TYR B 55 3.37 -6.79 15.52
C TYR B 55 4.47 -5.89 14.99
N SER B 56 5.70 -6.17 15.40
CA SER B 56 6.91 -5.49 14.93
C SER B 56 6.94 -5.16 13.42
N LEU B 57 6.48 -6.11 12.61
CA LEU B 57 6.64 -5.98 11.17
C LEU B 57 5.59 -5.12 10.47
N GLN B 58 4.50 -4.82 11.17
CA GLN B 58 3.45 -3.97 10.60
C GLN B 58 4.01 -2.62 10.17
N PRO B 59 3.56 -2.13 9.02
CA PRO B 59 4.02 -0.85 8.53
C PRO B 59 3.45 0.30 9.36
N ALA B 60 3.78 1.52 8.96
CA ALA B 60 3.36 2.71 9.68
C ALA B 60 1.86 2.79 9.90
N ASP B 61 1.48 2.56 11.15
CA ASP B 61 0.13 2.70 11.67
C ASP B 61 -0.30 4.15 11.57
N ASP B 62 -1.55 4.42 11.88
CA ASP B 62 -2.00 5.79 12.02
C ASP B 62 -1.45 6.41 13.30
N ASN B 63 -1.53 5.69 14.42
CA ASN B 63 -0.95 6.22 15.64
C ASN B 63 0.38 5.59 16.09
N HIS B 64 1.10 5.00 15.14
CA HIS B 64 2.52 4.69 15.32
C HIS B 64 3.30 5.13 14.08
N SER B 65 3.25 6.42 13.77
CA SER B 65 3.76 6.95 12.49
C SER B 65 5.27 6.75 12.28
N PHE B 66 5.92 6.13 13.25
CA PHE B 66 7.28 5.67 13.05
C PHE B 66 7.20 4.17 12.86
N GLY B 67 8.15 3.38 13.32
CA GLY B 67 7.97 1.93 13.21
C GLY B 67 6.85 1.35 14.09
N HIS B 68 6.75 0.03 14.09
CA HIS B 68 6.34 -0.74 15.27
C HIS B 68 7.56 -1.54 15.64
N GLY B 69 8.72 -1.11 15.13
CA GLY B 69 9.99 -1.82 15.25
C GLY B 69 10.49 -1.94 16.66
N LYS B 70 10.20 -0.94 17.47
CA LYS B 70 10.58 -0.92 18.88
C LYS B 70 10.04 -2.12 19.67
N ALA B 71 8.90 -2.65 19.25
CA ALA B 71 8.34 -3.87 19.84
C ALA B 71 9.36 -5.02 19.99
N GLU B 72 10.37 -5.03 19.10
CA GLU B 72 11.42 -6.05 19.16
C GLU B 72 12.23 -5.94 20.44
N SER B 73 12.85 -4.78 20.65
CA SER B 73 13.65 -4.49 21.83
C SER B 73 12.85 -4.65 23.12
N LEU B 74 11.56 -4.36 23.03
CA LEU B 74 10.65 -4.49 24.14
C LEU B 74 10.50 -5.96 24.50
N ALA B 75 10.22 -6.78 23.49
CA ALA B 75 10.14 -8.23 23.67
C ALA B 75 11.49 -8.74 24.15
N ALA B 76 12.56 -8.27 23.52
CA ALA B 76 13.92 -8.66 23.87
C ALA B 76 14.16 -8.42 25.37
N LEU B 77 13.78 -7.23 25.83
CA LEU B 77 13.89 -6.85 27.24
C LEU B 77 13.08 -7.78 28.16
N ALA B 78 11.81 -8.01 27.79
CA ALA B 78 10.92 -8.87 28.56
C ALA B 78 11.50 -10.29 28.70
N GLN B 79 12.03 -10.81 27.60
CA GLN B 79 12.68 -12.11 27.61
C GLN B 79 13.89 -12.08 28.50
N SER B 80 14.69 -11.03 28.36
CA SER B 80 15.95 -10.86 29.06
C SER B 80 15.78 -11.02 30.57
N MET B 81 14.65 -10.54 31.09
CA MET B 81 14.38 -10.61 32.52
C MET B 81 14.12 -12.03 32.99
N PHE B 82 13.19 -12.70 32.32
CA PHE B 82 12.87 -14.09 32.63
C PHE B 82 14.12 -14.96 32.53
N ILE B 83 14.81 -14.88 31.40
CA ILE B 83 16.07 -15.62 31.20
C ILE B 83 17.07 -15.27 32.31
N SER B 84 17.10 -14.00 32.70
CA SER B 84 18.01 -13.52 33.74
C SER B 84 17.58 -14.06 35.10
N GLY B 85 16.26 -14.16 35.29
CA GLY B 85 15.68 -14.73 36.51
C GLY B 85 15.83 -16.23 36.61
N SER B 86 15.84 -16.91 35.47
CA SER B 86 16.07 -18.36 35.41
C SER B 86 17.51 -18.67 35.80
N ALA B 87 18.43 -17.80 35.39
CA ALA B 87 19.86 -18.01 35.59
C ALA B 87 20.31 -17.73 37.02
N LEU B 88 19.65 -16.79 37.69
CA LEU B 88 19.90 -16.54 39.11
C LEU B 88 19.31 -17.67 39.95
N PHE B 89 18.15 -18.15 39.53
CA PHE B 89 17.52 -19.34 40.11
C PHE B 89 18.44 -20.56 39.98
N LEU B 90 19.22 -20.63 38.90
CA LEU B 90 20.08 -21.78 38.63
C LEU B 90 21.48 -21.64 39.25
N PHE B 91 21.92 -20.41 39.47
CA PHE B 91 23.21 -20.16 40.12
C PHE B 91 23.06 -20.31 41.63
N LEU B 92 21.91 -19.93 42.16
CA LEU B 92 21.60 -20.08 43.58
C LEU B 92 21.05 -21.47 43.91
N THR B 93 20.92 -22.32 42.89
CA THR B 93 20.76 -23.75 43.08
C THR B 93 22.14 -24.39 42.84
N GLY B 94 23.01 -23.64 42.17
CA GLY B 94 24.39 -24.06 41.90
C GLY B 94 25.20 -24.18 43.17
N ILE B 95 25.19 -23.13 43.98
CA ILE B 95 25.82 -23.19 45.31
C ILE B 95 24.92 -23.87 46.35
N GLN B 96 23.63 -24.02 46.03
CA GLN B 96 22.68 -24.66 46.95
C GLN B 96 23.05 -26.13 47.18
N HIS B 97 23.07 -26.93 46.12
CA HIS B 97 23.65 -28.27 46.24
C HIS B 97 25.12 -28.32 45.80
N LEU B 98 25.92 -27.45 46.41
CA LEU B 98 27.37 -27.57 46.39
C LEU B 98 27.69 -28.75 47.31
N ILE B 99 26.94 -29.83 47.10
CA ILE B 99 26.83 -30.96 48.03
C ILE B 99 26.47 -30.50 49.46
N SER B 100 25.46 -29.64 49.55
CA SER B 100 24.87 -29.26 50.83
C SER B 100 23.75 -30.25 51.19
N PRO B 101 22.77 -30.46 50.28
CA PRO B 101 22.06 -31.73 50.36
C PRO B 101 22.99 -32.87 49.91
N THR B 102 22.91 -33.24 48.62
CA THR B 102 23.78 -34.24 48.00
C THR B 102 23.59 -34.22 46.48
N PRO B 103 24.49 -34.88 45.72
CA PRO B 103 24.17 -35.23 44.32
C PRO B 103 22.95 -36.14 44.29
N MET B 104 21.78 -35.53 44.31
CA MET B 104 20.52 -36.24 44.56
C MET B 104 19.89 -36.88 43.33
N THR B 105 20.08 -36.24 42.18
CA THR B 105 19.55 -36.78 40.91
C THR B 105 20.29 -38.07 40.57
N ASP B 106 19.77 -39.17 41.10
CA ASP B 106 20.41 -40.48 40.98
C ASP B 106 19.65 -41.47 40.09
N PRO B 107 18.30 -41.33 39.99
CA PRO B 107 17.56 -42.22 39.08
C PRO B 107 18.05 -42.12 37.64
N GLY B 108 18.80 -43.14 37.20
CA GLY B 108 19.27 -43.22 35.83
C GLY B 108 18.14 -43.63 34.90
N VAL B 109 17.14 -42.76 34.79
CA VAL B 109 15.91 -43.04 34.02
C VAL B 109 16.15 -43.04 32.51
N GLY B 110 15.07 -43.12 31.74
CA GLY B 110 15.13 -43.06 30.28
C GLY B 110 15.64 -41.72 29.79
N VAL B 111 16.97 -41.60 29.73
CA VAL B 111 17.65 -40.36 29.35
C VAL B 111 17.63 -40.13 27.84
N ILE B 112 16.87 -40.98 27.12
CA ILE B 112 16.74 -40.87 25.67
C ILE B 112 16.08 -39.56 25.23
N VAL B 113 15.27 -38.99 26.13
CA VAL B 113 14.64 -37.70 25.90
C VAL B 113 15.66 -36.57 25.82
N THR B 114 16.50 -36.45 26.85
CA THR B 114 17.45 -35.34 26.93
C THR B 114 18.56 -35.40 25.87
N ILE B 115 18.85 -36.59 25.33
CA ILE B 115 19.79 -36.67 24.21
C ILE B 115 19.10 -36.28 22.90
N VAL B 116 17.83 -36.62 22.76
CA VAL B 116 17.03 -36.14 21.63
C VAL B 116 16.83 -34.65 21.75
N ALA B 117 16.40 -34.21 22.94
CA ALA B 117 16.21 -32.80 23.25
C ALA B 117 17.44 -31.98 22.87
N LEU B 118 18.61 -32.42 23.34
CA LEU B 118 19.88 -31.76 23.01
C LEU B 118 19.99 -31.50 21.50
N ILE B 119 19.88 -32.57 20.70
CA ILE B 119 20.05 -32.50 19.24
C ILE B 119 19.06 -31.54 18.57
N CYS B 120 17.78 -31.73 18.83
CA CYS B 120 16.73 -30.86 18.29
C CYS B 120 16.99 -29.38 18.60
N THR B 121 17.41 -29.12 19.84
CA THR B 121 17.68 -27.78 20.31
C THR B 121 18.96 -27.23 19.67
N ILE B 122 20.01 -28.05 19.61
CA ILE B 122 21.26 -27.68 18.94
C ILE B 122 20.93 -27.19 17.55
N ILE B 123 20.10 -27.96 16.85
CA ILE B 123 19.65 -27.63 15.51
C ILE B 123 18.98 -26.25 15.48
N LEU B 124 17.91 -26.09 16.26
CA LEU B 124 17.17 -24.83 16.33
C LEU B 124 18.10 -23.65 16.58
N VAL B 125 18.94 -23.77 17.61
CA VAL B 125 19.90 -22.73 17.96
C VAL B 125 20.75 -22.32 16.75
N SER B 126 21.16 -23.29 15.95
CA SER B 126 21.95 -22.99 14.74
C SER B 126 21.15 -22.20 13.73
N PHE B 127 19.90 -22.57 13.52
CA PHE B 127 19.05 -21.86 12.59
C PHE B 127 18.91 -20.44 13.08
N GLN B 128 18.56 -20.29 14.36
CA GLN B 128 18.43 -18.97 14.97
C GLN B 128 19.73 -18.20 14.86
N ARG B 129 20.85 -18.88 15.08
CA ARG B 129 22.16 -18.26 14.97
C ARG B 129 22.42 -17.83 13.53
N TRP B 130 21.85 -18.55 12.58
CA TRP B 130 21.99 -18.18 11.18
C TRP B 130 21.13 -16.97 10.88
N VAL B 131 19.91 -16.94 11.42
CA VAL B 131 19.00 -15.81 11.24
C VAL B 131 19.55 -14.54 11.90
N VAL B 132 20.13 -14.67 13.09
CA VAL B 132 20.72 -13.53 13.80
C VAL B 132 21.87 -12.91 12.99
N ARG B 133 22.68 -13.76 12.37
CA ARG B 133 23.84 -13.31 11.61
C ARG B 133 23.45 -12.64 10.29
N ARG B 134 22.24 -12.94 9.83
CA ARG B 134 21.72 -12.52 8.54
C ARG B 134 20.87 -11.26 8.71
N THR B 135 20.10 -11.23 9.79
CA THR B 135 19.26 -10.10 10.15
C THR B 135 19.36 -9.89 11.65
N GLN B 136 19.89 -8.73 12.04
CA GLN B 136 20.33 -8.47 13.41
C GLN B 136 19.32 -8.61 14.55
N SER B 137 18.07 -8.88 14.19
CA SER B 137 16.95 -9.02 15.11
C SER B 137 17.28 -9.38 16.58
N GLN B 138 17.08 -8.42 17.48
CA GLN B 138 17.24 -8.62 18.92
C GLN B 138 16.21 -9.60 19.41
N ALA B 139 15.06 -9.59 18.75
CA ALA B 139 13.90 -10.38 19.13
C ALA B 139 14.21 -11.88 19.09
N VAL B 140 14.86 -12.30 18.01
CA VAL B 140 15.22 -13.70 17.84
C VAL B 140 16.49 -14.02 18.63
N ARG B 141 17.37 -13.04 18.78
CA ARG B 141 18.63 -13.22 19.50
C ARG B 141 18.35 -13.46 20.99
N ALA B 142 17.33 -12.77 21.49
CA ALA B 142 16.81 -12.97 22.83
C ALA B 142 16.28 -14.41 22.99
N ASP B 143 15.39 -14.80 22.08
CA ASP B 143 14.76 -16.10 22.08
C ASP B 143 15.83 -17.18 22.02
N MET B 144 16.84 -16.93 21.17
CA MET B 144 17.95 -17.85 21.03
C MET B 144 18.70 -18.05 22.33
N LEU B 145 18.98 -16.96 23.04
CA LEU B 145 19.69 -17.05 24.33
C LEU B 145 19.04 -18.07 25.29
N HIS B 146 17.72 -18.12 25.29
CA HIS B 146 17.06 -19.08 26.14
C HIS B 146 17.42 -20.50 25.74
N TYR B 147 17.39 -20.77 24.43
CA TYR B 147 17.63 -22.12 23.92
C TYR B 147 19.09 -22.52 24.01
N GLN B 148 20.00 -21.53 23.93
CA GLN B 148 21.41 -21.77 24.25
C GLN B 148 21.58 -22.31 25.67
N SER B 149 20.67 -21.92 26.56
CA SER B 149 20.64 -22.42 27.92
C SER B 149 20.11 -23.84 27.95
N ASP B 150 18.99 -24.07 27.25
CA ASP B 150 18.43 -25.42 27.15
C ASP B 150 19.47 -26.40 26.57
N VAL B 151 20.27 -25.91 25.64
CA VAL B 151 21.33 -26.67 24.99
C VAL B 151 22.40 -27.08 25.98
N MET B 152 22.53 -26.36 27.08
CA MET B 152 23.44 -26.73 28.16
C MET B 152 22.75 -27.74 29.09
N MET B 153 22.42 -28.88 28.51
CA MET B 153 21.70 -29.95 29.15
C MET B 153 22.69 -31.05 29.42
N ASN B 154 22.60 -31.63 30.62
CA ASN B 154 23.65 -32.52 31.11
C ASN B 154 23.35 -34.00 31.34
N GLY B 155 23.47 -34.73 30.25
CA GLY B 155 23.83 -36.14 30.29
C GLY B 155 25.34 -36.16 30.06
N ALA B 156 25.99 -35.03 30.29
CA ALA B 156 27.44 -34.96 30.40
C ALA B 156 27.78 -35.18 31.87
N ILE B 157 26.81 -35.67 32.61
CA ILE B 157 27.01 -36.17 33.97
C ILE B 157 27.62 -37.56 33.92
N LEU B 158 28.90 -37.65 34.29
CA LEU B 158 29.66 -38.88 34.23
C LEU B 158 29.02 -39.96 35.09
N LEU B 159 28.99 -41.19 34.58
CA LEU B 159 28.56 -42.37 35.35
C LEU B 159 29.76 -43.24 35.75
N ALA B 160 30.69 -43.43 34.82
CA ALA B 160 31.91 -44.21 35.02
C ALA B 160 32.86 -43.53 36.01
N LEU B 161 33.53 -42.48 35.56
CA LEU B 161 34.31 -41.63 36.46
C LEU B 161 33.39 -41.05 37.53
N GLY B 162 32.19 -40.65 37.11
CA GLY B 162 31.12 -40.18 37.99
C GLY B 162 31.49 -39.05 38.92
N LEU B 163 31.07 -39.18 40.18
CA LEU B 163 31.56 -38.34 41.26
C LEU B 163 33.00 -38.76 41.51
N SER B 164 33.89 -37.80 41.71
CA SER B 164 35.32 -38.09 41.91
C SER B 164 35.60 -38.77 43.26
N TRP B 165 36.80 -39.35 43.37
CA TRP B 165 37.25 -40.03 44.59
C TRP B 165 37.20 -39.11 45.81
N TYR B 166 36.46 -39.54 46.82
CA TYR B 166 36.08 -38.68 47.96
C TYR B 166 37.24 -38.06 48.76
N GLY B 167 36.97 -36.88 49.31
CA GLY B 167 37.99 -35.98 49.79
C GLY B 167 38.17 -34.87 48.76
N TRP B 168 37.66 -35.14 47.56
CA TRP B 168 37.67 -34.22 46.43
C TRP B 168 36.33 -34.39 45.70
N HIS B 169 35.27 -33.91 46.33
CA HIS B 169 33.88 -34.18 45.93
C HIS B 169 33.48 -33.63 44.56
N ARG B 170 32.43 -34.23 43.97
CA ARG B 170 31.99 -33.88 42.62
C ARG B 170 30.48 -34.11 42.43
N ALA B 171 29.83 -33.16 41.76
CA ALA B 171 28.39 -33.22 41.50
C ALA B 171 28.00 -32.35 40.29
N ASP B 172 26.73 -31.93 40.26
CA ASP B 172 26.22 -31.04 39.22
C ASP B 172 26.64 -29.60 39.47
N ALA B 173 27.04 -29.34 40.71
CA ALA B 173 27.39 -27.99 41.17
C ALA B 173 28.23 -27.19 40.18
N LEU B 174 29.47 -27.64 39.92
CA LEU B 174 30.40 -26.93 39.04
C LEU B 174 29.82 -26.66 37.66
N PHE B 175 28.82 -27.45 37.26
CA PHE B 175 28.17 -27.32 35.97
C PHE B 175 26.89 -26.50 36.05
N ALA B 176 26.06 -26.79 37.04
CA ALA B 176 24.81 -26.05 37.25
C ALA B 176 25.04 -24.62 37.73
N LEU B 177 26.20 -24.39 38.35
CA LEU B 177 26.63 -23.07 38.80
C LEU B 177 27.28 -22.29 37.65
N GLY B 178 28.19 -22.95 36.94
CA GLY B 178 28.94 -22.34 35.84
C GLY B 178 28.07 -21.87 34.69
N ILE B 179 26.96 -22.55 34.45
CA ILE B 179 25.96 -22.12 33.49
C ILE B 179 25.21 -20.92 34.07
N GLY B 180 24.79 -21.05 35.32
CA GLY B 180 24.09 -19.97 36.04
C GLY B 180 24.75 -18.61 35.93
N ILE B 181 26.09 -18.59 36.02
CA ILE B 181 26.86 -17.37 35.84
C ILE B 181 26.79 -16.90 34.38
N TYR B 182 27.30 -17.73 33.49
CA TYR B 182 27.45 -17.36 32.08
C TYR B 182 26.16 -16.94 31.41
N ILE B 183 25.06 -17.61 31.72
CA ILE B 183 23.76 -17.23 31.17
C ILE B 183 23.24 -15.92 31.77
N LEU B 184 23.36 -15.75 33.10
CA LEU B 184 22.94 -14.51 33.77
C LEU B 184 23.68 -13.30 33.25
N TYR B 185 24.98 -13.45 33.04
CA TYR B 185 25.80 -12.41 32.45
C TYR B 185 25.35 -12.13 31.02
N SER B 186 25.13 -13.18 30.24
CA SER B 186 24.70 -13.02 28.87
C SER B 186 23.30 -12.44 28.74
N ALA B 187 22.46 -12.67 29.75
CA ALA B 187 21.09 -12.17 29.74
C ALA B 187 20.99 -10.74 30.21
N LEU B 188 22.03 -10.26 30.89
CA LEU B 188 22.07 -8.87 31.32
C LEU B 188 22.66 -8.00 30.22
N ARG B 189 23.80 -8.44 29.67
CA ARG B 189 24.39 -7.79 28.50
C ARG B 189 23.36 -7.70 27.37
N MET B 190 22.48 -8.70 27.31
CA MET B 190 21.38 -8.76 26.36
C MET B 190 20.36 -7.66 26.61
N GLY B 191 19.89 -7.56 27.86
CA GLY B 191 18.80 -6.67 28.22
C GLY B 191 19.20 -5.22 28.27
N TYR B 192 20.49 -4.98 28.49
CA TYR B 192 21.04 -3.64 28.47
C TYR B 192 20.96 -3.08 27.05
N GLU B 193 21.50 -3.81 26.09
CA GLU B 193 21.36 -3.47 24.68
C GLU B 193 19.91 -3.16 24.32
N ALA B 194 18.99 -3.93 24.89
CA ALA B 194 17.56 -3.69 24.68
C ALA B 194 17.08 -2.35 25.25
N VAL B 195 17.53 -1.97 26.46
CA VAL B 195 17.13 -0.67 27.01
C VAL B 195 17.80 0.47 26.23
N GLN B 196 19.06 0.24 25.86
CA GLN B 196 19.82 1.20 25.09
C GLN B 196 19.16 1.51 23.76
N SER B 197 18.37 0.56 23.26
CA SER B 197 17.63 0.79 22.03
C SER B 197 16.29 1.42 22.32
N LEU B 198 15.76 1.20 23.51
CA LEU B 198 14.48 1.77 23.89
C LEU B 198 14.63 3.27 24.15
N LEU B 199 15.74 3.63 24.80
CA LEU B 199 16.31 4.98 24.72
C LEU B 199 16.80 5.05 23.29
N ASP B 200 16.52 6.14 22.57
CA ASP B 200 16.84 6.20 21.17
C ASP B 200 18.34 6.40 20.99
N ARG B 201 19.13 5.36 21.26
CA ARG B 201 20.57 5.44 21.12
C ARG B 201 21.00 5.52 19.67
N ALA B 202 22.01 6.35 19.41
CA ALA B 202 22.52 6.52 18.04
C ALA B 202 23.21 5.26 17.48
N LEU B 203 23.30 5.21 16.15
CA LEU B 203 23.95 4.09 15.45
C LEU B 203 25.44 4.12 15.73
N PRO B 204 26.12 2.97 15.58
CA PRO B 204 27.55 2.85 15.84
C PRO B 204 28.40 3.83 15.02
N ASP B 205 29.50 4.29 15.59
CA ASP B 205 30.33 5.33 14.98
C ASP B 205 30.69 5.07 13.53
N GLU B 206 30.95 3.81 13.22
CA GLU B 206 31.22 3.37 11.85
C GLU B 206 30.13 3.82 10.87
N GLU B 207 28.87 3.50 11.17
CA GLU B 207 27.74 3.83 10.30
C GLU B 207 27.55 5.34 10.23
N ARG B 208 27.68 5.98 11.39
CA ARG B 208 27.53 7.42 11.52
C ARG B 208 28.59 8.12 10.68
N GLN B 209 29.80 7.55 10.66
CA GLN B 209 30.88 8.07 9.83
C GLN B 209 30.57 7.94 8.35
N GLU B 210 30.03 6.78 7.95
CA GLU B 210 29.74 6.51 6.54
C GLU B 210 28.66 7.46 6.00
N ILE B 211 27.60 7.66 6.78
CA ILE B 211 26.57 8.61 6.39
C ILE B 211 27.20 9.96 6.15
N ILE B 212 28.07 10.39 7.06
CA ILE B 212 28.65 11.72 6.96
C ILE B 212 29.47 11.86 5.68
N ASP B 213 30.14 10.79 5.29
CA ASP B 213 31.01 10.80 4.12
C ASP B 213 30.26 10.80 2.80
N ILE B 214 29.19 10.00 2.75
CA ILE B 214 28.26 9.96 1.62
C ILE B 214 27.70 11.33 1.38
N VAL B 215 27.25 11.98 2.46
CA VAL B 215 26.57 13.28 2.40
C VAL B 215 27.48 14.38 1.88
N THR B 216 28.67 14.51 2.47
CA THR B 216 29.49 15.71 2.34
C THR B 216 30.25 15.74 1.05
N SER B 217 30.51 14.56 0.50
CA SER B 217 31.24 14.45 -0.76
C SER B 217 30.33 14.70 -1.97
N TRP B 218 29.05 14.36 -1.85
CA TRP B 218 28.06 14.58 -2.91
C TRP B 218 28.09 16.02 -3.42
N PRO B 219 28.13 16.20 -4.75
CA PRO B 219 28.20 17.45 -5.50
C PRO B 219 27.54 18.70 -4.94
N GLY B 220 26.21 18.77 -4.90
CA GLY B 220 25.56 20.00 -4.43
C GLY B 220 25.88 20.51 -3.02
N VAL B 221 26.14 19.59 -2.10
CA VAL B 221 26.22 19.94 -0.68
C VAL B 221 27.50 20.70 -0.35
N SER B 222 27.34 21.82 0.35
CA SER B 222 28.45 22.63 0.80
C SER B 222 28.80 22.21 2.18
N GLY B 223 27.80 21.76 2.94
CA GLY B 223 28.05 21.20 4.26
C GLY B 223 26.89 20.42 4.83
N ALA B 224 27.16 19.70 5.91
CA ALA B 224 26.10 19.01 6.62
C ALA B 224 26.41 19.18 8.08
N HIS B 225 25.41 19.57 8.87
CA HIS B 225 25.71 19.77 10.28
C HIS B 225 24.98 18.83 11.23
N ASP B 226 23.83 19.25 11.72
CA ASP B 226 23.15 18.49 12.76
C ASP B 226 22.76 17.10 12.21
N LEU B 227 23.32 16.03 12.78
CA LEU B 227 23.06 14.69 12.25
C LEU B 227 22.65 13.73 13.33
N ARG B 228 21.35 13.44 13.34
CA ARG B 228 20.77 12.62 14.38
C ARG B 228 20.29 11.26 13.88
N THR B 229 20.74 10.20 14.54
CA THR B 229 20.50 8.84 14.11
C THR B 229 19.95 7.98 15.25
N ARG B 230 19.32 6.87 14.89
CA ARG B 230 18.78 5.88 15.83
C ARG B 230 18.14 4.81 14.97
N GLN B 231 18.00 3.60 15.49
CA GLN B 231 17.15 2.64 14.78
C GLN B 231 16.11 1.93 15.64
N SER B 232 14.90 1.79 15.09
CA SER B 232 13.82 1.13 15.76
C SER B 232 13.66 -0.23 15.08
N GLY B 233 14.21 -1.25 15.72
CA GLY B 233 14.24 -2.58 15.14
C GLY B 233 15.14 -2.62 13.90
N PRO B 234 14.60 -3.07 12.77
CA PRO B 234 15.41 -3.28 11.56
C PRO B 234 15.75 -1.99 10.86
N THR B 235 14.84 -1.02 10.94
CA THR B 235 14.91 0.22 10.15
C THR B 235 15.69 1.30 10.90
N ARG B 236 16.60 1.96 10.20
CA ARG B 236 17.35 3.07 10.77
C ARG B 236 16.68 4.40 10.48
N PHE B 237 16.66 5.29 11.48
CA PHE B 237 16.15 6.62 11.31
C PHE B 237 17.29 7.61 11.20
N ILE B 238 17.19 8.51 10.22
CA ILE B 238 18.27 9.47 9.93
C ILE B 238 17.75 10.86 9.66
N GLN B 239 18.23 11.83 10.42
CA GLN B 239 17.99 13.23 10.11
C GLN B 239 19.31 13.98 9.98
N ILE B 240 19.35 14.90 9.02
CA ILE B 240 20.54 15.70 8.80
C ILE B 240 20.16 17.06 8.24
N HIS B 241 21.02 18.04 8.47
CA HIS B 241 20.84 19.38 7.90
C HIS B 241 21.83 19.50 6.76
N LEU B 242 21.37 19.99 5.62
CA LEU B 242 22.24 20.09 4.48
C LEU B 242 22.41 21.53 4.18
N GLU B 243 23.65 21.95 4.00
CA GLU B 243 23.93 23.34 3.57
C GLU B 243 24.10 23.42 2.06
N MET B 244 23.38 24.34 1.45
CA MET B 244 23.52 24.61 0.03
C MET B 244 23.42 26.10 -0.23
N GLU B 245 23.74 26.51 -1.46
CA GLU B 245 23.90 27.92 -1.80
C GLU B 245 22.65 28.76 -1.59
N ASP B 246 22.87 29.93 -0.97
CA ASP B 246 21.81 30.87 -0.60
C ASP B 246 20.79 31.10 -1.71
N SER B 247 21.31 31.25 -2.92
CA SER B 247 20.55 31.72 -4.06
C SER B 247 19.76 30.63 -4.79
N LEU B 248 20.16 29.37 -4.62
CA LEU B 248 19.51 28.24 -5.30
C LEU B 248 18.01 28.30 -5.12
N PRO B 249 17.24 28.15 -6.22
CA PRO B 249 15.79 28.06 -6.05
C PRO B 249 15.42 26.75 -5.35
N LEU B 250 14.28 26.75 -4.65
CA LEU B 250 13.86 25.60 -3.86
C LEU B 250 13.95 24.34 -4.70
N VAL B 251 13.32 24.38 -5.87
CA VAL B 251 13.18 23.17 -6.71
C VAL B 251 14.52 22.49 -6.94
N GLN B 252 15.59 23.28 -7.04
CA GLN B 252 16.92 22.77 -7.31
C GLN B 252 17.63 22.36 -6.05
N ALA B 253 17.34 23.07 -4.96
CA ALA B 253 17.84 22.70 -3.64
C ALA B 253 17.23 21.38 -3.17
N HIS B 254 15.93 21.20 -3.40
CA HIS B 254 15.23 19.97 -3.05
C HIS B 254 15.77 18.79 -3.81
N MET B 255 16.26 19.07 -5.03
CA MET B 255 16.84 18.06 -5.89
C MET B 255 18.12 17.48 -5.34
N VAL B 256 19.06 18.32 -4.90
CA VAL B 256 20.27 17.78 -4.30
C VAL B 256 19.92 17.10 -3.00
N ALA B 257 18.91 17.62 -2.33
CA ALA B 257 18.42 16.98 -1.12
C ALA B 257 18.04 15.55 -1.39
N ASP B 258 17.27 15.34 -2.46
CA ASP B 258 16.85 14.00 -2.87
C ASP B 258 17.98 13.14 -3.39
N GLN B 259 18.84 13.73 -4.20
CA GLN B 259 20.04 13.02 -4.58
C GLN B 259 20.71 12.39 -3.31
N VAL B 260 20.96 13.22 -2.31
CA VAL B 260 21.61 12.80 -1.08
C VAL B 260 20.77 11.78 -0.34
N GLU B 261 19.46 12.01 -0.27
CA GLU B 261 18.59 11.11 0.48
C GLU B 261 18.73 9.71 -0.08
N GLN B 262 18.78 9.64 -1.40
CA GLN B 262 18.88 8.41 -2.15
C GLN B 262 20.26 7.76 -2.06
N ALA B 263 21.30 8.59 -1.93
CA ALA B 263 22.66 8.12 -1.70
C ALA B 263 22.80 7.42 -0.34
N ILE B 264 22.09 7.92 0.67
CA ILE B 264 22.03 7.23 1.95
C ILE B 264 21.25 5.92 1.79
N LEU B 265 20.08 6.02 1.20
CA LEU B 265 19.19 4.89 1.00
C LEU B 265 19.87 3.74 0.28
N ARG B 266 20.77 4.09 -0.63
CA ARG B 266 21.57 3.11 -1.36
C ARG B 266 22.42 2.34 -0.37
N ARG B 267 23.28 3.05 0.37
CA ARG B 267 24.23 2.41 1.27
C ARG B 267 23.58 1.76 2.50
N PHE B 268 22.42 2.27 2.91
CA PHE B 268 21.66 1.66 4.00
C PHE B 268 20.23 1.55 3.54
N PRO B 269 19.89 0.44 2.84
CA PRO B 269 18.52 0.22 2.41
C PRO B 269 17.58 0.01 3.60
N GLY B 270 16.30 0.26 3.39
CA GLY B 270 15.31 0.07 4.43
C GLY B 270 15.18 1.24 5.39
N SER B 271 16.19 2.13 5.37
CA SER B 271 16.31 3.33 6.23
C SER B 271 15.29 4.39 5.95
N ASP B 272 15.11 5.26 6.93
CA ASP B 272 14.16 6.37 6.82
C ASP B 272 14.90 7.67 7.12
N VAL B 273 15.11 8.46 6.07
CA VAL B 273 15.82 9.72 6.27
C VAL B 273 14.89 10.92 6.11
N ILE B 274 15.29 12.05 6.71
CA ILE B 274 14.68 13.35 6.46
C ILE B 274 15.81 14.38 6.44
N ILE B 275 15.82 15.20 5.38
CA ILE B 275 16.85 16.22 5.18
C ILE B 275 16.21 17.55 5.42
N HIS B 276 16.85 18.36 6.24
CA HIS B 276 16.45 19.77 6.38
C HIS B 276 17.46 20.65 5.66
N GLN B 277 17.01 21.43 4.68
CA GLN B 277 17.99 22.16 3.89
C GLN B 277 18.13 23.63 4.26
N ASP B 278 19.35 23.95 4.73
CA ASP B 278 19.80 25.23 5.29
C ASP B 278 20.66 25.93 4.27
N PRO B 279 20.55 27.28 4.15
CA PRO B 279 21.42 28.05 3.24
C PRO B 279 22.83 28.30 3.82
N CYS B 280 23.23 29.55 3.98
CA CYS B 280 24.35 29.84 4.87
C CYS B 280 23.99 30.87 5.93
N SER B 281 23.74 30.31 7.11
CA SER B 281 23.29 30.97 8.30
C SER B 281 23.80 30.02 9.38
N VAL B 282 25.13 29.90 9.43
CA VAL B 282 25.85 28.98 10.31
C VAL B 282 27.25 29.57 10.50
N VAL B 283 27.99 29.10 11.52
CA VAL B 283 29.35 29.60 11.76
C VAL B 283 30.26 29.47 10.53
N LEU C 1 6.86 0.26 -55.83
CA LEU C 1 6.60 0.33 -54.36
C LEU C 1 6.34 1.77 -53.88
N VAL C 2 5.07 2.07 -53.60
CA VAL C 2 4.67 3.32 -52.95
C VAL C 2 4.74 3.13 -51.42
N SER C 3 4.35 4.16 -50.65
CA SER C 3 4.41 4.10 -49.18
C SER C 3 3.03 3.86 -48.57
N ARG C 4 2.96 3.87 -47.24
CA ARG C 4 1.71 3.67 -46.50
C ARG C 4 0.58 4.66 -46.81
N ALA C 5 0.86 5.63 -47.69
CA ALA C 5 -0.19 6.45 -48.33
C ALA C 5 -0.97 5.62 -49.34
N ALA C 6 -0.58 4.34 -49.48
CA ALA C 6 -1.39 3.35 -50.18
C ALA C 6 -2.73 3.21 -49.48
N ILE C 7 -2.73 3.25 -48.15
CA ILE C 7 -3.97 3.17 -47.37
C ILE C 7 -4.78 4.46 -47.47
N ALA C 8 -4.09 5.59 -47.41
CA ALA C 8 -4.73 6.86 -47.73
C ALA C 8 -5.61 6.73 -49.00
N ALA C 9 -5.08 6.07 -50.03
CA ALA C 9 -5.76 5.92 -51.32
C ALA C 9 -7.04 5.07 -51.28
N THR C 10 -7.03 3.98 -50.50
CA THR C 10 -8.25 3.15 -50.35
C THR C 10 -9.43 3.89 -49.72
N ALA C 11 -9.11 4.79 -48.78
CA ALA C 11 -10.09 5.60 -48.08
C ALA C 11 -11.01 6.40 -49.03
N MET C 12 -10.44 6.96 -50.10
CA MET C 12 -11.28 7.60 -51.12
C MET C 12 -11.91 6.55 -51.99
N ALA C 13 -11.22 5.42 -52.14
CA ALA C 13 -11.75 4.32 -52.93
C ALA C 13 -13.08 3.84 -52.33
N SER C 14 -13.21 4.01 -51.02
CA SER C 14 -14.48 3.79 -50.33
C SER C 14 -15.47 4.86 -50.71
N LEU C 15 -14.98 6.08 -50.90
CA LEU C 15 -15.80 7.20 -51.37
C LEU C 15 -16.09 7.10 -52.88
N LEU C 16 -15.60 6.04 -53.52
CA LEU C 16 -15.99 5.66 -54.87
C LEU C 16 -17.48 5.37 -54.87
N LEU C 17 -17.96 4.85 -53.75
CA LEU C 17 -19.36 4.55 -53.58
C LEU C 17 -20.23 5.84 -53.54
N LEU C 18 -19.55 6.99 -53.63
CA LEU C 18 -20.22 8.27 -53.90
C LEU C 18 -21.00 8.23 -55.20
N ILE C 19 -20.42 7.60 -56.23
CA ILE C 19 -21.12 7.45 -57.50
C ILE C 19 -22.26 6.44 -57.39
N LYS C 20 -22.13 5.49 -56.46
CA LYS C 20 -23.16 4.50 -56.21
C LYS C 20 -24.41 5.13 -55.57
N ILE C 21 -24.19 6.16 -54.76
CA ILE C 21 -25.30 6.93 -54.18
C ILE C 21 -26.00 7.70 -55.30
N PHE C 22 -25.26 8.07 -56.33
CA PHE C 22 -25.84 8.68 -57.52
C PHE C 22 -26.37 7.63 -58.52
N ALA C 23 -25.81 6.43 -58.47
CA ALA C 23 -26.30 5.31 -59.28
C ALA C 23 -27.55 4.72 -58.62
N TRP C 24 -28.17 5.51 -57.75
CA TRP C 24 -29.50 5.26 -57.25
C TRP C 24 -30.43 6.10 -58.15
N TRP C 25 -31.74 5.85 -58.11
CA TRP C 25 -32.67 6.67 -58.91
C TRP C 25 -34.05 6.96 -58.35
N TYR C 26 -34.39 8.25 -58.37
CA TYR C 26 -35.74 8.73 -58.11
C TYR C 26 -36.25 9.56 -59.31
N THR C 27 -35.41 10.45 -59.83
CA THR C 27 -35.77 11.30 -60.98
C THR C 27 -35.62 10.55 -62.31
N GLY C 28 -34.75 9.53 -62.32
CA GLY C 28 -34.61 8.63 -63.47
C GLY C 28 -35.81 7.70 -63.57
N SER C 29 -36.16 7.08 -62.45
CA SER C 29 -37.36 6.28 -62.33
C SER C 29 -37.92 6.40 -60.91
N VAL C 30 -39.15 6.87 -60.80
CA VAL C 30 -39.78 7.13 -59.50
C VAL C 30 -40.13 5.81 -58.77
N SER C 31 -39.11 5.26 -58.11
CA SER C 31 -39.22 4.01 -57.36
C SER C 31 -38.14 4.01 -56.29
N ILE C 32 -38.45 3.44 -55.12
CA ILE C 32 -37.53 3.49 -53.97
C ILE C 32 -37.39 2.14 -53.25
N LEU C 33 -36.15 1.78 -52.94
CA LEU C 33 -35.84 0.63 -52.10
C LEU C 33 -34.97 1.10 -50.93
N ALA C 34 -34.45 0.16 -50.15
CA ALA C 34 -33.72 0.49 -48.92
C ALA C 34 -32.21 0.71 -49.08
N ALA C 35 -31.61 0.07 -50.09
CA ALA C 35 -30.15 0.11 -50.30
C ALA C 35 -29.62 1.43 -50.90
N LEU C 36 -30.35 2.52 -50.65
CA LEU C 36 -29.90 3.87 -50.98
C LEU C 36 -29.45 4.58 -49.71
N VAL C 37 -29.84 4.02 -48.57
CA VAL C 37 -29.53 4.56 -47.24
C VAL C 37 -28.33 3.81 -46.65
N ASP C 38 -28.29 2.49 -46.87
CA ASP C 38 -27.13 1.69 -46.51
C ASP C 38 -25.89 2.27 -47.16
N SER C 39 -26.04 2.75 -48.40
CA SER C 39 -24.94 3.38 -49.13
C SER C 39 -24.83 4.90 -48.88
N LEU C 40 -25.78 5.46 -48.13
CA LEU C 40 -25.65 6.83 -47.62
C LEU C 40 -24.94 6.81 -46.27
N VAL C 41 -25.23 5.77 -45.48
CA VAL C 41 -24.47 5.44 -44.28
C VAL C 41 -23.00 5.22 -44.67
N ASP C 42 -22.77 4.44 -45.72
CA ASP C 42 -21.42 4.15 -46.22
C ASP C 42 -20.57 5.40 -46.46
N ILE C 43 -21.14 6.38 -47.16
CA ILE C 43 -20.45 7.65 -47.41
C ILE C 43 -19.95 8.23 -46.08
N GLY C 44 -20.85 8.40 -45.12
CA GLY C 44 -20.51 8.96 -43.82
C GLY C 44 -19.45 8.12 -43.12
N ALA C 45 -19.83 6.88 -42.79
CA ALA C 45 -18.96 5.94 -42.09
C ALA C 45 -17.55 5.94 -42.65
N SER C 46 -17.40 5.57 -43.92
CA SER C 46 -16.06 5.42 -44.50
C SER C 46 -15.40 6.75 -44.89
N LEU C 47 -16.16 7.84 -44.84
CA LEU C 47 -15.57 9.18 -44.90
C LEU C 47 -14.91 9.51 -43.56
N THR C 48 -15.62 9.25 -42.47
CA THR C 48 -15.05 9.33 -41.13
C THR C 48 -13.75 8.53 -41.12
N ASN C 49 -13.85 7.28 -41.59
CA ASN C 49 -12.70 6.39 -41.65
C ASN C 49 -11.49 7.00 -42.37
N LEU C 50 -11.73 7.69 -43.50
CA LEU C 50 -10.67 8.42 -44.22
C LEU C 50 -9.99 9.46 -43.33
N LEU C 51 -10.79 10.24 -42.61
CA LEU C 51 -10.29 11.24 -41.67
C LEU C 51 -9.47 10.60 -40.55
N VAL C 52 -9.96 9.49 -40.00
CA VAL C 52 -9.29 8.80 -38.92
C VAL C 52 -7.93 8.24 -39.34
N VAL C 53 -7.85 7.69 -40.56
CA VAL C 53 -6.55 7.19 -41.05
C VAL C 53 -5.60 8.35 -41.27
N ARG C 54 -6.13 9.44 -41.83
CA ARG C 54 -5.36 10.64 -42.06
C ARG C 54 -4.77 11.20 -40.75
N TYR C 55 -5.53 11.06 -39.66
CA TYR C 55 -5.03 11.33 -38.30
C TYR C 55 -3.99 10.30 -37.91
N SER C 56 -4.29 9.04 -38.22
CA SER C 56 -3.40 7.91 -37.93
C SER C 56 -2.01 8.10 -38.51
N LEU C 57 -1.93 8.73 -39.69
CA LEU C 57 -0.66 8.90 -40.40
C LEU C 57 0.26 10.03 -39.95
N GLN C 58 -0.24 10.90 -39.06
CA GLN C 58 0.55 12.01 -38.55
C GLN C 58 1.75 11.51 -37.77
N PRO C 59 2.88 12.22 -37.88
CA PRO C 59 4.07 11.83 -37.13
C PRO C 59 4.01 12.28 -35.68
N ALA C 60 5.05 11.93 -34.91
CA ALA C 60 5.16 12.27 -33.50
C ALA C 60 4.75 13.70 -33.21
N ASP C 61 3.93 13.83 -32.17
CA ASP C 61 3.25 15.07 -31.81
C ASP C 61 3.94 15.68 -30.61
N ASP C 62 3.35 16.73 -30.05
CA ASP C 62 3.84 17.17 -28.77
C ASP C 62 3.29 16.27 -27.66
N ASN C 63 2.00 15.97 -27.72
CA ASN C 63 1.41 15.08 -26.72
C ASN C 63 1.06 13.67 -27.21
N HIS C 64 1.55 13.32 -28.39
CA HIS C 64 1.60 11.93 -28.83
C HIS C 64 3.05 11.63 -29.22
N SER C 65 3.89 11.38 -28.22
CA SER C 65 5.33 11.24 -28.44
C SER C 65 5.72 9.89 -29.04
N PHE C 66 4.79 8.94 -28.94
CA PHE C 66 4.82 7.72 -29.73
C PHE C 66 3.92 7.98 -30.95
N GLY C 67 3.42 6.95 -31.60
CA GLY C 67 2.63 7.18 -32.83
C GLY C 67 1.31 7.95 -32.71
N HIS C 68 0.57 7.95 -33.81
CA HIS C 68 -0.86 8.18 -33.80
C HIS C 68 -1.48 6.86 -34.30
N GLY C 69 -0.62 5.84 -34.39
CA GLY C 69 -0.93 4.55 -35.00
C GLY C 69 -2.23 3.95 -34.55
N LYS C 70 -2.35 3.78 -33.23
CA LYS C 70 -3.54 3.24 -32.57
C LYS C 70 -4.88 3.74 -33.11
N ALA C 71 -4.89 4.94 -33.67
CA ALA C 71 -6.09 5.49 -34.30
C ALA C 71 -6.72 4.45 -35.23
N GLU C 72 -5.88 3.73 -35.98
CA GLU C 72 -6.35 2.65 -36.85
C GLU C 72 -7.11 1.57 -36.07
N SER C 73 -6.47 1.03 -35.02
CA SER C 73 -7.11 -0.01 -34.19
C SER C 73 -8.39 0.46 -33.52
N LEU C 74 -8.44 1.72 -33.08
CA LEU C 74 -9.69 2.29 -32.63
C LEU C 74 -10.69 2.22 -33.79
N ALA C 75 -10.32 2.82 -34.92
CA ALA C 75 -11.19 2.86 -36.11
C ALA C 75 -11.70 1.48 -36.48
N ALA C 76 -10.81 0.48 -36.36
CA ALA C 76 -11.17 -0.91 -36.54
C ALA C 76 -12.24 -1.28 -35.52
N LEU C 77 -11.89 -1.20 -34.24
CA LEU C 77 -12.77 -1.62 -33.17
C LEU C 77 -14.13 -0.96 -33.30
N ALA C 78 -14.13 0.31 -33.70
CA ALA C 78 -15.38 1.03 -33.97
C ALA C 78 -16.19 0.25 -35.00
N GLN C 79 -15.57 -0.01 -36.14
CA GLN C 79 -16.26 -0.63 -37.26
C GLN C 79 -16.67 -2.05 -36.95
N SER C 80 -15.77 -2.82 -36.32
CA SER C 80 -16.08 -4.18 -35.94
C SER C 80 -17.32 -4.32 -35.06
N MET C 81 -17.59 -3.34 -34.19
CA MET C 81 -18.83 -3.35 -33.39
C MET C 81 -20.05 -3.11 -34.27
N PHE C 82 -19.98 -2.09 -35.13
CA PHE C 82 -21.08 -1.73 -36.04
C PHE C 82 -21.36 -2.80 -37.10
N ILE C 83 -20.30 -3.45 -37.57
CA ILE C 83 -20.42 -4.55 -38.52
C ILE C 83 -20.89 -5.81 -37.80
N SER C 84 -20.45 -5.98 -36.55
CA SER C 84 -20.89 -7.08 -35.69
C SER C 84 -22.35 -6.91 -35.27
N GLY C 85 -22.86 -5.68 -35.37
CA GLY C 85 -24.26 -5.39 -35.09
C GLY C 85 -25.17 -5.74 -36.26
N SER C 86 -24.84 -5.21 -37.43
CA SER C 86 -25.55 -5.48 -38.67
C SER C 86 -25.63 -6.98 -39.01
N ALA C 87 -24.69 -7.75 -38.49
CA ALA C 87 -24.60 -9.18 -38.76
C ALA C 87 -25.48 -10.02 -37.83
N LEU C 88 -25.66 -9.57 -36.59
CA LEU C 88 -26.61 -10.22 -35.70
C LEU C 88 -28.02 -9.82 -36.10
N PHE C 89 -28.16 -8.57 -36.55
CA PHE C 89 -29.42 -8.06 -37.11
C PHE C 89 -29.88 -8.93 -38.28
N LEU C 90 -28.94 -9.32 -39.13
CA LEU C 90 -29.25 -10.09 -40.33
C LEU C 90 -29.30 -11.60 -40.09
N PHE C 91 -28.73 -12.06 -38.97
CA PHE C 91 -28.86 -13.47 -38.59
C PHE C 91 -30.19 -13.74 -37.93
N LEU C 92 -30.65 -12.77 -37.13
CA LEU C 92 -31.96 -12.84 -36.49
C LEU C 92 -33.08 -12.58 -37.50
N THR C 93 -32.77 -11.85 -38.57
CA THR C 93 -33.68 -11.71 -39.71
C THR C 93 -33.69 -13.02 -40.50
N GLY C 94 -32.57 -13.74 -40.43
CA GLY C 94 -32.42 -15.04 -41.09
C GLY C 94 -33.36 -16.10 -40.56
N ILE C 95 -33.54 -16.15 -39.25
CA ILE C 95 -34.53 -17.03 -38.63
C ILE C 95 -35.91 -16.36 -38.51
N GLN C 96 -35.95 -15.03 -38.64
CA GLN C 96 -37.22 -14.29 -38.60
C GLN C 96 -38.10 -14.70 -39.77
N HIS C 97 -37.75 -14.28 -40.99
CA HIS C 97 -38.48 -14.75 -42.16
C HIS C 97 -37.92 -16.06 -42.73
N LEU C 98 -37.75 -17.04 -41.84
CA LEU C 98 -37.58 -18.43 -42.23
C LEU C 98 -38.95 -18.91 -42.69
N ILE C 99 -39.58 -18.08 -43.54
CA ILE C 99 -40.99 -18.19 -43.94
C ILE C 99 -41.94 -18.23 -42.73
N SER C 100 -41.70 -17.33 -41.78
CA SER C 100 -42.64 -17.08 -40.68
C SER C 100 -43.73 -16.10 -41.15
N PRO C 101 -43.32 -14.95 -41.73
CA PRO C 101 -44.29 -14.28 -42.60
C PRO C 101 -44.38 -15.07 -43.91
N THR C 102 -43.55 -14.71 -44.89
CA THR C 102 -43.53 -15.32 -46.22
C THR C 102 -42.41 -14.68 -47.07
N PRO C 103 -41.88 -15.42 -48.07
CA PRO C 103 -40.98 -14.79 -49.06
C PRO C 103 -41.67 -13.61 -49.75
N MET C 104 -41.41 -12.40 -49.26
CA MET C 104 -42.15 -11.20 -49.65
C MET C 104 -41.47 -10.33 -50.69
N THR C 105 -40.14 -10.44 -50.81
CA THR C 105 -39.39 -9.69 -51.82
C THR C 105 -39.62 -10.29 -53.22
N ASP C 106 -40.88 -10.22 -53.66
CA ASP C 106 -41.30 -10.73 -54.96
C ASP C 106 -41.28 -9.69 -56.09
N PRO C 107 -41.53 -8.40 -55.76
CA PRO C 107 -41.47 -7.37 -56.79
C PRO C 107 -40.17 -7.43 -57.60
N GLY C 108 -40.29 -7.79 -58.88
CA GLY C 108 -39.16 -7.82 -59.79
C GLY C 108 -38.72 -6.42 -60.16
N VAL C 109 -38.58 -5.57 -59.13
CA VAL C 109 -38.17 -4.17 -59.30
C VAL C 109 -36.81 -4.07 -59.96
N GLY C 110 -36.63 -3.05 -60.80
CA GLY C 110 -35.40 -2.82 -61.56
C GLY C 110 -34.14 -3.23 -60.82
N VAL C 111 -33.80 -4.51 -60.94
CA VAL C 111 -32.68 -5.10 -60.20
C VAL C 111 -31.34 -4.69 -60.81
N ILE C 112 -31.39 -3.82 -61.82
CA ILE C 112 -30.19 -3.24 -62.45
C ILE C 112 -29.38 -2.42 -61.46
N VAL C 113 -30.02 -2.05 -60.34
CA VAL C 113 -29.32 -1.43 -59.22
C VAL C 113 -28.42 -2.45 -58.51
N THR C 114 -29.01 -3.54 -58.01
CA THR C 114 -28.28 -4.54 -57.22
C THR C 114 -27.21 -5.32 -58.00
N ILE C 115 -27.35 -5.42 -59.32
CA ILE C 115 -26.29 -6.00 -60.15
C ILE C 115 -25.14 -5.02 -60.35
N VAL C 116 -25.45 -3.75 -60.60
CA VAL C 116 -24.42 -2.71 -60.64
C VAL C 116 -23.76 -2.58 -59.25
N ALA C 117 -24.59 -2.60 -58.21
CA ALA C 117 -24.13 -2.60 -56.81
C ALA C 117 -23.05 -3.64 -56.62
N LEU C 118 -23.33 -4.89 -56.99
CA LEU C 118 -22.30 -5.92 -56.98
C LEU C 118 -21.06 -5.45 -57.73
N ILE C 119 -21.23 -5.13 -59.01
CA ILE C 119 -20.10 -4.90 -59.91
C ILE C 119 -19.10 -3.81 -59.47
N CYS C 120 -19.60 -2.73 -58.88
CA CYS C 120 -18.71 -1.68 -58.40
C CYS C 120 -18.26 -1.88 -56.95
N THR C 121 -19.01 -2.69 -56.20
CA THR C 121 -18.58 -3.10 -54.87
C THR C 121 -17.48 -4.17 -55.01
N ILE C 122 -17.71 -5.12 -55.91
CA ILE C 122 -16.69 -6.11 -56.28
C ILE C 122 -15.37 -5.40 -56.61
N ILE C 123 -15.46 -4.33 -57.42
CA ILE C 123 -14.30 -3.55 -57.83
C ILE C 123 -13.55 -3.04 -56.61
N LEU C 124 -14.30 -2.41 -55.69
CA LEU C 124 -13.73 -1.82 -54.46
C LEU C 124 -13.03 -2.87 -53.62
N VAL C 125 -13.80 -3.85 -53.17
CA VAL C 125 -13.34 -4.93 -52.28
C VAL C 125 -12.00 -5.54 -52.69
N SER C 126 -11.75 -5.59 -53.99
CA SER C 126 -10.48 -6.12 -54.49
C SER C 126 -9.35 -5.11 -54.43
N PHE C 127 -9.64 -3.84 -54.73
CA PHE C 127 -8.63 -2.80 -54.52
C PHE C 127 -8.27 -2.77 -53.03
N GLN C 128 -9.32 -2.82 -52.20
CA GLN C 128 -9.18 -2.95 -50.76
C GLN C 128 -8.35 -4.16 -50.39
N ARG C 129 -8.72 -5.34 -50.89
CA ARG C 129 -7.91 -6.54 -50.65
C ARG C 129 -6.47 -6.35 -51.07
N TRP C 130 -6.26 -5.60 -52.15
CA TRP C 130 -4.91 -5.34 -52.61
C TRP C 130 -4.08 -4.54 -51.61
N VAL C 131 -4.65 -3.48 -51.05
CA VAL C 131 -3.96 -2.71 -50.01
C VAL C 131 -3.81 -3.48 -48.70
N VAL C 132 -4.83 -4.23 -48.30
CA VAL C 132 -4.73 -5.07 -47.10
C VAL C 132 -3.52 -5.99 -47.20
N ARG C 133 -3.32 -6.58 -48.38
CA ARG C 133 -2.16 -7.44 -48.62
C ARG C 133 -0.84 -6.65 -48.62
N ARG C 134 -0.83 -5.51 -49.30
CA ARG C 134 0.38 -4.66 -49.42
C ARG C 134 0.80 -4.05 -48.09
N THR C 135 -0.19 -3.63 -47.33
CA THR C 135 0.02 -2.97 -46.05
C THR C 135 -1.03 -3.47 -45.07
N GLN C 136 -0.58 -4.05 -43.97
CA GLN C 136 -1.43 -4.84 -43.09
C GLN C 136 -2.62 -4.15 -42.43
N SER C 137 -2.95 -2.96 -42.93
CA SER C 137 -3.87 -2.03 -42.29
C SER C 137 -5.12 -2.59 -41.62
N GLN C 138 -5.05 -2.64 -40.28
CA GLN C 138 -6.17 -2.82 -39.37
C GLN C 138 -7.38 -2.02 -39.83
N ALA C 139 -7.14 -0.73 -40.05
CA ALA C 139 -8.16 0.23 -40.42
C ALA C 139 -8.88 -0.11 -41.71
N VAL C 140 -8.11 -0.43 -42.76
CA VAL C 140 -8.74 -0.64 -44.07
C VAL C 140 -9.41 -2.03 -44.16
N ARG C 141 -8.87 -2.97 -43.39
CA ARG C 141 -9.42 -4.32 -43.33
C ARG C 141 -10.84 -4.27 -42.80
N ALA C 142 -11.04 -3.52 -41.72
CA ALA C 142 -12.37 -3.33 -41.14
C ALA C 142 -13.35 -2.69 -42.14
N ASP C 143 -12.91 -1.59 -42.75
CA ASP C 143 -13.73 -0.89 -43.74
C ASP C 143 -14.05 -1.82 -44.92
N MET C 144 -13.13 -2.72 -45.22
CA MET C 144 -13.37 -3.73 -46.24
C MET C 144 -14.44 -4.73 -45.78
N LEU C 145 -14.33 -5.18 -44.53
CA LEU C 145 -15.23 -6.22 -44.03
C LEU C 145 -16.66 -5.85 -44.32
N HIS C 146 -17.03 -4.61 -44.04
CA HIS C 146 -18.40 -4.16 -44.33
C HIS C 146 -18.74 -4.32 -45.80
N TYR C 147 -17.86 -3.83 -46.67
CA TYR C 147 -18.11 -3.95 -48.11
C TYR C 147 -18.17 -5.42 -48.55
N GLN C 148 -17.39 -6.29 -47.89
CA GLN C 148 -17.50 -7.73 -48.09
C GLN C 148 -18.90 -8.26 -47.76
N SER C 149 -19.59 -7.63 -46.82
CA SER C 149 -21.01 -7.95 -46.57
C SER C 149 -21.91 -7.38 -47.65
N ASP C 150 -21.55 -6.20 -48.17
CA ASP C 150 -22.31 -5.59 -49.25
C ASP C 150 -22.16 -6.40 -50.54
N VAL C 151 -20.99 -7.02 -50.73
CA VAL C 151 -20.78 -7.96 -51.85
C VAL C 151 -21.67 -9.20 -51.71
N MET C 152 -22.01 -9.56 -50.47
CA MET C 152 -23.06 -10.55 -50.22
C MET C 152 -24.46 -9.99 -50.58
N MET C 153 -24.63 -9.76 -51.88
CA MET C 153 -25.83 -9.17 -52.46
C MET C 153 -26.48 -10.22 -53.35
N ASN C 154 -27.80 -10.41 -53.18
CA ASN C 154 -28.50 -11.51 -53.84
C ASN C 154 -29.44 -11.18 -55.00
N GLY C 155 -28.84 -10.74 -56.09
CA GLY C 155 -29.41 -10.91 -57.41
C GLY C 155 -28.92 -12.27 -57.84
N ALA C 156 -28.82 -13.17 -56.86
CA ALA C 156 -28.48 -14.57 -57.06
C ALA C 156 -29.58 -15.41 -56.40
N ILE C 157 -30.75 -14.80 -56.23
CA ILE C 157 -31.95 -15.51 -55.82
C ILE C 157 -32.58 -16.19 -57.03
N LEU C 158 -32.72 -17.50 -56.93
CA LEU C 158 -33.28 -18.30 -58.02
C LEU C 158 -34.66 -17.77 -58.37
N LEU C 159 -34.93 -17.60 -59.66
CA LEU C 159 -36.25 -17.18 -60.15
C LEU C 159 -36.91 -18.24 -61.03
N ALA C 160 -36.09 -19.03 -61.73
CA ALA C 160 -36.57 -20.13 -62.56
C ALA C 160 -36.80 -21.39 -61.72
N LEU C 161 -35.76 -21.84 -61.02
CA LEU C 161 -35.89 -22.87 -59.98
C LEU C 161 -36.62 -22.24 -58.79
N GLY C 162 -36.44 -20.93 -58.64
CA GLY C 162 -37.18 -20.11 -57.68
C GLY C 162 -37.00 -20.51 -56.24
N LEU C 163 -38.13 -20.63 -55.54
CA LEU C 163 -38.19 -21.19 -54.21
C LEU C 163 -37.91 -22.68 -54.32
N SER C 164 -38.94 -23.50 -54.11
CA SER C 164 -38.87 -24.95 -54.31
C SER C 164 -40.28 -25.54 -54.33
N TRP C 165 -40.45 -26.67 -55.03
CA TRP C 165 -41.75 -27.34 -55.11
C TRP C 165 -42.29 -27.68 -53.72
N TYR C 166 -43.47 -27.14 -53.42
CA TYR C 166 -43.98 -27.04 -52.04
C TYR C 166 -43.99 -28.30 -51.19
N GLY C 167 -43.56 -28.15 -49.94
CA GLY C 167 -43.30 -29.25 -49.02
C GLY C 167 -41.89 -29.15 -48.47
N TRP C 168 -40.97 -28.69 -49.33
CA TRP C 168 -39.57 -28.45 -48.98
C TRP C 168 -39.26 -27.00 -49.36
N HIS C 169 -39.67 -26.08 -48.48
CA HIS C 169 -39.64 -24.64 -48.76
C HIS C 169 -38.25 -24.04 -48.95
N ARG C 170 -38.20 -22.89 -49.64
CA ARG C 170 -36.96 -22.18 -49.91
C ARG C 170 -37.19 -20.67 -50.03
N ALA C 171 -36.24 -19.89 -49.53
CA ALA C 171 -36.30 -18.43 -49.59
C ALA C 171 -34.90 -17.83 -49.44
N ASP C 172 -34.85 -16.55 -49.05
CA ASP C 172 -33.58 -15.87 -48.73
C ASP C 172 -32.99 -16.44 -47.45
N ALA C 173 -33.86 -16.95 -46.59
CA ALA C 173 -33.53 -17.45 -45.25
C ALA C 173 -32.21 -18.21 -45.15
N LEU C 174 -31.97 -19.14 -46.07
CA LEU C 174 -30.77 -19.97 -46.04
C LEU C 174 -29.50 -19.15 -46.26
N PHE C 175 -29.57 -18.18 -47.18
CA PHE C 175 -28.45 -17.31 -47.50
C PHE C 175 -28.30 -16.18 -46.48
N ALA C 176 -29.40 -15.44 -46.26
CA ALA C 176 -29.42 -14.32 -45.33
C ALA C 176 -29.04 -14.71 -43.89
N LEU C 177 -29.31 -15.96 -43.52
CA LEU C 177 -28.90 -16.50 -42.23
C LEU C 177 -27.43 -16.90 -42.27
N GLY C 178 -27.02 -17.53 -43.37
CA GLY C 178 -25.66 -18.02 -43.55
C GLY C 178 -24.60 -16.93 -43.50
N ILE C 179 -24.82 -15.84 -44.24
CA ILE C 179 -23.95 -14.66 -44.21
C ILE C 179 -23.86 -14.12 -42.80
N GLY C 180 -25.01 -14.04 -42.13
CA GLY C 180 -25.09 -13.54 -40.77
C GLY C 180 -24.14 -14.19 -39.76
N ILE C 181 -24.01 -15.51 -39.83
CA ILE C 181 -23.16 -16.25 -38.90
C ILE C 181 -21.69 -16.02 -39.22
N TYR C 182 -21.37 -16.03 -40.51
CA TYR C 182 -20.00 -15.86 -40.97
C TYR C 182 -19.47 -14.45 -40.71
N ILE C 183 -20.22 -13.43 -41.10
CA ILE C 183 -19.79 -12.04 -40.92
C ILE C 183 -19.78 -11.61 -39.45
N LEU C 184 -20.71 -12.13 -38.64
CA LEU C 184 -20.66 -11.87 -37.19
C LEU C 184 -19.35 -12.40 -36.65
N TYR C 185 -19.07 -13.66 -36.95
CA TYR C 185 -17.82 -14.28 -36.58
C TYR C 185 -16.63 -13.48 -37.12
N SER C 186 -16.70 -13.08 -38.38
CA SER C 186 -15.62 -12.36 -39.05
C SER C 186 -15.34 -10.99 -38.41
N ALA C 187 -16.40 -10.28 -38.05
CA ALA C 187 -16.28 -8.98 -37.38
C ALA C 187 -15.85 -9.13 -35.92
N LEU C 188 -16.31 -10.21 -35.30
CA LEU C 188 -15.99 -10.50 -33.91
C LEU C 188 -14.50 -10.77 -33.75
N ARG C 189 -13.92 -11.54 -34.67
CA ARG C 189 -12.50 -11.84 -34.70
C ARG C 189 -11.71 -10.56 -35.01
N MET C 190 -12.20 -9.81 -35.98
CA MET C 190 -11.64 -8.53 -36.41
C MET C 190 -11.46 -7.58 -35.22
N GLY C 191 -12.54 -7.40 -34.47
CA GLY C 191 -12.55 -6.56 -33.28
C GLY C 191 -11.60 -7.05 -32.23
N TYR C 192 -11.64 -8.35 -31.96
CA TYR C 192 -10.74 -8.94 -30.98
C TYR C 192 -9.27 -8.64 -31.25
N GLU C 193 -8.89 -8.60 -32.53
CA GLU C 193 -7.53 -8.23 -32.89
C GLU C 193 -7.27 -6.75 -32.64
N ALA C 194 -8.30 -5.93 -32.84
CA ALA C 194 -8.20 -4.49 -32.58
C ALA C 194 -7.90 -4.21 -31.10
N VAL C 195 -8.73 -4.77 -30.21
CA VAL C 195 -8.56 -4.54 -28.77
C VAL C 195 -7.23 -5.10 -28.34
N GLN C 196 -6.77 -6.08 -29.10
CA GLN C 196 -5.57 -6.77 -28.75
C GLN C 196 -4.32 -5.95 -29.08
N SER C 197 -4.46 -4.97 -29.99
CA SER C 197 -3.37 -4.06 -30.35
C SER C 197 -3.53 -2.83 -29.51
N LEU C 198 -4.74 -2.64 -29.00
CA LEU C 198 -5.06 -1.56 -28.07
C LEU C 198 -4.54 -1.86 -26.66
N LEU C 199 -4.72 -3.09 -26.18
CA LEU C 199 -3.84 -3.62 -25.14
C LEU C 199 -2.47 -3.66 -25.81
N ASP C 200 -1.38 -3.42 -25.12
CA ASP C 200 -0.14 -3.43 -25.89
C ASP C 200 0.39 -4.84 -26.02
N ARG C 201 -0.23 -5.61 -26.91
CA ARG C 201 0.14 -7.01 -27.13
C ARG C 201 1.45 -7.11 -27.90
N ALA C 202 2.23 -8.12 -27.53
CA ALA C 202 3.55 -8.40 -28.14
C ALA C 202 3.47 -8.75 -29.63
N LEU C 203 4.62 -8.65 -30.29
CA LEU C 203 4.75 -9.03 -31.70
C LEU C 203 4.57 -10.55 -31.90
N PRO C 204 4.25 -10.98 -33.13
CA PRO C 204 4.15 -12.42 -33.40
C PRO C 204 5.46 -13.14 -33.11
N ASP C 205 5.38 -14.31 -32.50
CA ASP C 205 6.56 -15.08 -32.10
C ASP C 205 7.70 -15.10 -33.10
N GLU C 206 7.33 -15.17 -34.38
CA GLU C 206 8.28 -15.11 -35.49
C GLU C 206 9.15 -13.86 -35.41
N GLU C 207 8.51 -12.69 -35.39
CA GLU C 207 9.21 -11.41 -35.35
C GLU C 207 10.03 -11.31 -34.08
N ARG C 208 9.49 -11.84 -32.99
CA ARG C 208 10.17 -11.82 -31.72
C ARG C 208 11.47 -12.59 -31.76
N GLN C 209 11.45 -13.75 -32.40
CA GLN C 209 12.64 -14.61 -32.52
C GLN C 209 13.72 -13.96 -33.40
N GLU C 210 13.31 -13.38 -34.52
CA GLU C 210 14.22 -12.65 -35.40
C GLU C 210 15.06 -11.64 -34.61
N ILE C 211 14.37 -10.84 -33.78
CA ILE C 211 15.01 -9.89 -32.88
C ILE C 211 16.01 -10.58 -31.96
N ILE C 212 15.61 -11.68 -31.31
CA ILE C 212 16.49 -12.42 -30.40
C ILE C 212 17.73 -12.92 -31.13
N ASP C 213 17.53 -13.41 -32.35
CA ASP C 213 18.63 -13.93 -33.16
C ASP C 213 19.56 -12.79 -33.54
N ILE C 214 19.00 -11.72 -34.10
CA ILE C 214 19.79 -10.56 -34.54
C ILE C 214 20.72 -10.11 -33.43
N VAL C 215 20.19 -10.12 -32.20
CA VAL C 215 20.87 -9.53 -31.05
C VAL C 215 21.95 -10.46 -30.54
N THR C 216 21.57 -11.69 -30.21
CA THR C 216 22.48 -12.61 -29.53
C THR C 216 23.69 -13.00 -30.40
N SER C 217 23.47 -13.06 -31.70
CA SER C 217 24.52 -13.31 -32.68
C SER C 217 25.59 -12.24 -32.69
N TRP C 218 25.20 -11.00 -32.41
CA TRP C 218 26.04 -9.83 -32.64
C TRP C 218 27.36 -9.85 -31.85
N PRO C 219 28.48 -9.49 -32.51
CA PRO C 219 29.81 -9.44 -31.92
C PRO C 219 29.87 -8.84 -30.51
N GLY C 220 29.62 -7.56 -30.35
CA GLY C 220 29.80 -6.94 -29.03
C GLY C 220 29.04 -7.51 -27.82
N VAL C 221 27.77 -7.89 -28.04
CA VAL C 221 26.87 -8.28 -26.96
C VAL C 221 27.26 -9.60 -26.32
N SER C 222 26.97 -9.73 -25.04
CA SER C 222 27.30 -10.93 -24.32
C SER C 222 26.03 -11.62 -23.95
N GLY C 223 25.10 -10.88 -23.36
CA GLY C 223 23.73 -11.37 -23.15
C GLY C 223 22.77 -10.27 -23.51
N ALA C 224 21.48 -10.60 -23.57
CA ALA C 224 20.44 -9.59 -23.70
C ALA C 224 19.25 -10.06 -22.89
N HIS C 225 18.59 -9.19 -22.13
CA HIS C 225 17.64 -9.72 -21.17
C HIS C 225 16.17 -9.33 -21.22
N ASP C 226 15.88 -8.04 -21.22
CA ASP C 226 14.50 -7.63 -21.16
C ASP C 226 14.17 -7.26 -22.59
N LEU C 227 13.16 -7.90 -23.18
CA LEU C 227 12.80 -7.59 -24.54
C LEU C 227 11.31 -7.39 -24.58
N ARG C 228 10.90 -6.14 -24.78
CA ARG C 228 9.47 -5.85 -24.92
C ARG C 228 9.14 -5.31 -26.30
N THR C 229 7.97 -5.73 -26.78
CA THR C 229 7.56 -5.52 -28.15
C THR C 229 6.07 -5.19 -28.23
N ARG C 230 5.72 -4.44 -29.26
CA ARG C 230 4.35 -4.05 -29.54
C ARG C 230 4.37 -3.27 -30.84
N GLN C 231 3.25 -3.19 -31.54
CA GLN C 231 3.17 -2.19 -32.60
C GLN C 231 1.91 -1.40 -32.51
N SER C 232 2.03 -0.13 -32.84
CA SER C 232 0.90 0.76 -32.97
C SER C 232 0.76 1.05 -34.47
N GLY C 233 -0.38 0.64 -35.03
CA GLY C 233 -0.58 0.67 -36.47
C GLY C 233 0.54 -0.03 -37.23
N PRO C 234 1.25 0.72 -38.09
CA PRO C 234 2.36 0.16 -38.84
C PRO C 234 3.62 0.03 -38.00
N THR C 235 4.05 1.10 -37.33
CA THR C 235 5.36 1.12 -36.66
C THR C 235 5.43 0.25 -35.41
N ARG C 236 6.49 -0.53 -35.28
CA ARG C 236 6.65 -1.44 -34.16
C ARG C 236 7.63 -0.91 -33.14
N PHE C 237 7.33 -1.14 -31.86
CA PHE C 237 8.17 -0.63 -30.79
C PHE C 237 8.94 -1.76 -30.11
N ILE C 238 10.25 -1.58 -30.01
CA ILE C 238 11.14 -2.61 -29.53
C ILE C 238 12.05 -2.04 -28.45
N GLN C 239 12.05 -2.64 -27.26
CA GLN C 239 13.12 -2.32 -26.34
C GLN C 239 13.80 -3.58 -25.84
N ILE C 240 15.05 -3.42 -25.44
CA ILE C 240 15.87 -4.53 -24.97
C ILE C 240 17.00 -4.04 -24.03
N HIS C 241 17.51 -4.91 -23.16
CA HIS C 241 18.72 -4.60 -22.40
C HIS C 241 19.87 -5.40 -23.01
N LEU C 242 20.95 -4.73 -23.46
CA LEU C 242 22.10 -5.47 -23.97
C LEU C 242 23.13 -5.56 -22.87
N GLU C 243 23.80 -6.70 -22.76
CA GLU C 243 24.84 -6.87 -21.72
C GLU C 243 26.25 -6.82 -22.32
N MET C 244 26.82 -5.62 -22.39
CA MET C 244 28.20 -5.45 -22.79
C MET C 244 29.15 -5.64 -21.62
N GLU C 245 30.44 -5.62 -21.94
CA GLU C 245 31.49 -5.83 -20.96
C GLU C 245 31.65 -4.64 -20.00
N ASP C 246 31.59 -4.96 -18.72
CA ASP C 246 31.74 -4.04 -17.58
C ASP C 246 32.69 -2.86 -17.85
N SER C 247 33.91 -3.16 -18.30
CA SER C 247 34.97 -2.17 -18.40
C SER C 247 35.00 -1.31 -19.68
N LEU C 248 34.08 -1.57 -20.60
CA LEU C 248 34.07 -0.85 -21.88
C LEU C 248 33.87 0.64 -21.66
N PRO C 249 34.60 1.48 -22.42
CA PRO C 249 34.20 2.88 -22.55
C PRO C 249 32.77 3.02 -23.09
N LEU C 250 32.11 4.12 -22.73
CA LEU C 250 30.71 4.28 -23.09
C LEU C 250 30.60 4.42 -24.58
N VAL C 251 31.49 5.22 -25.18
CA VAL C 251 31.44 5.50 -26.60
C VAL C 251 31.53 4.20 -27.41
N GLN C 252 32.34 3.27 -26.92
CA GLN C 252 32.43 1.94 -27.48
C GLN C 252 31.19 1.11 -27.21
N ALA C 253 30.76 1.01 -25.96
CA ALA C 253 29.50 0.31 -25.68
C ALA C 253 28.37 0.80 -26.58
N HIS C 254 28.20 2.12 -26.67
CA HIS C 254 27.14 2.72 -27.49
C HIS C 254 27.25 2.31 -28.93
N MET C 255 28.49 2.12 -29.42
CA MET C 255 28.71 1.64 -30.79
C MET C 255 28.08 0.27 -31.02
N VAL C 256 28.57 -0.76 -30.35
CA VAL C 256 27.89 -2.07 -30.43
C VAL C 256 26.36 -1.94 -30.31
N ALA C 257 25.89 -1.19 -29.32
CA ALA C 257 24.46 -1.00 -29.14
C ALA C 257 23.79 -0.29 -30.33
N ASP C 258 24.50 0.64 -30.95
CA ASP C 258 23.96 1.39 -32.06
C ASP C 258 23.81 0.45 -33.23
N GLN C 259 24.79 -0.42 -33.42
CA GLN C 259 24.75 -1.40 -34.49
C GLN C 259 23.58 -2.33 -34.30
N VAL C 260 23.45 -2.91 -33.12
CA VAL C 260 22.38 -3.84 -32.88
C VAL C 260 21.08 -3.13 -33.15
N GLU C 261 20.99 -1.88 -32.75
CA GLU C 261 19.78 -1.10 -33.02
C GLU C 261 19.57 -1.01 -34.53
N GLN C 262 20.64 -0.60 -35.21
CA GLN C 262 20.63 -0.36 -36.64
C GLN C 262 20.27 -1.61 -37.41
N ALA C 263 20.73 -2.76 -36.92
CA ALA C 263 20.33 -4.05 -37.47
C ALA C 263 18.82 -4.25 -37.40
N ILE C 264 18.27 -4.27 -36.17
CA ILE C 264 16.83 -4.45 -35.98
C ILE C 264 16.04 -3.50 -36.87
N LEU C 265 16.63 -2.35 -37.16
CA LEU C 265 15.95 -1.32 -37.88
C LEU C 265 15.91 -1.57 -39.38
N ARG C 266 16.89 -2.32 -39.88
CA ARG C 266 16.91 -2.76 -41.27
C ARG C 266 15.86 -3.84 -41.45
N ARG C 267 15.80 -4.79 -40.50
CA ARG C 267 14.91 -5.93 -40.61
C ARG C 267 13.44 -5.64 -40.50
N PHE C 268 13.10 -4.71 -39.61
CA PHE C 268 11.73 -4.27 -39.50
C PHE C 268 11.76 -2.79 -39.82
N PRO C 269 11.74 -2.44 -41.11
CA PRO C 269 11.73 -1.00 -41.41
C PRO C 269 10.48 -0.33 -40.85
N GLY C 270 10.57 0.98 -40.60
CA GLY C 270 9.52 1.70 -39.88
C GLY C 270 9.64 1.66 -38.35
N SER C 271 10.24 0.58 -37.85
CA SER C 271 10.34 0.35 -36.42
C SER C 271 11.04 1.44 -35.62
N ASP C 272 10.89 1.33 -34.30
CA ASP C 272 11.45 2.27 -33.36
C ASP C 272 12.00 1.43 -32.24
N VAL C 273 13.32 1.38 -32.12
CA VAL C 273 13.92 0.60 -31.04
C VAL C 273 14.65 1.48 -30.04
N ILE C 274 14.83 0.97 -28.82
CA ILE C 274 15.55 1.67 -27.78
C ILE C 274 16.28 0.67 -26.90
N ILE C 275 17.60 0.84 -26.83
CA ILE C 275 18.46 -0.13 -26.18
C ILE C 275 18.97 0.44 -24.87
N HIS C 276 18.65 -0.22 -23.76
CA HIS C 276 19.31 0.02 -22.49
C HIS C 276 20.56 -0.85 -22.43
N GLN C 277 21.73 -0.28 -22.18
CA GLN C 277 22.91 -1.12 -22.03
C GLN C 277 23.32 -1.30 -20.57
N ASP C 278 23.42 -2.56 -20.18
CA ASP C 278 23.85 -3.02 -18.84
C ASP C 278 25.24 -3.60 -18.98
N PRO C 279 26.04 -3.60 -17.89
CA PRO C 279 27.40 -4.17 -17.84
C PRO C 279 27.44 -5.69 -17.52
N CYS C 280 27.86 -6.06 -16.32
CA CYS C 280 27.52 -7.39 -15.78
C CYS C 280 27.18 -7.34 -14.29
N SER C 281 25.86 -7.28 -14.09
CA SER C 281 25.19 -7.14 -12.81
C SER C 281 23.81 -7.75 -13.04
N VAL C 282 23.84 -9.03 -13.40
CA VAL C 282 22.68 -9.85 -13.76
C VAL C 282 23.12 -11.29 -13.50
N VAL C 283 22.25 -12.14 -12.95
CA VAL C 283 22.68 -13.51 -12.64
C VAL C 283 22.35 -14.53 -13.74
N LEU D 1 6.17 30.26 38.26
CA LEU D 1 6.19 28.88 37.72
C LEU D 1 7.61 28.31 37.56
N VAL D 2 7.88 27.21 38.27
CA VAL D 2 9.15 26.49 38.19
C VAL D 2 9.21 25.67 36.87
N SER D 3 10.36 25.08 36.56
CA SER D 3 10.51 24.28 35.33
C SER D 3 10.14 22.81 35.54
N ARG D 4 10.90 21.91 34.93
CA ARG D 4 10.70 20.48 35.04
C ARG D 4 11.58 19.85 36.12
N ALA D 5 12.14 20.73 36.95
CA ALA D 5 12.70 20.37 38.26
C ALA D 5 11.57 20.04 39.24
N ALA D 6 10.35 20.40 38.88
CA ALA D 6 9.14 20.02 39.61
C ALA D 6 9.04 18.50 39.82
N ILE D 7 9.55 17.71 38.88
CA ILE D 7 9.56 16.25 39.03
C ILE D 7 10.75 15.77 39.83
N ALA D 8 11.91 16.42 39.63
CA ALA D 8 13.11 16.12 40.40
C ALA D 8 12.84 16.36 41.88
N ALA D 9 11.95 17.32 42.16
CA ALA D 9 11.50 17.60 43.51
C ALA D 9 10.79 16.38 44.09
N THR D 10 9.68 15.99 43.47
CA THR D 10 8.88 14.88 43.98
C THR D 10 9.62 13.54 44.01
N ALA D 11 10.80 13.51 43.41
CA ALA D 11 11.69 12.37 43.57
C ALA D 11 12.19 12.32 45.03
N MET D 12 12.69 13.45 45.55
CA MET D 12 13.11 13.55 46.94
C MET D 12 11.91 13.47 47.85
N ALA D 13 10.81 14.07 47.41
CA ALA D 13 9.59 14.09 48.19
C ALA D 13 9.20 12.68 48.67
N SER D 14 9.53 11.67 47.86
CA SER D 14 9.24 10.28 48.21
C SER D 14 10.24 9.75 49.21
N LEU D 15 11.38 10.41 49.33
CA LEU D 15 12.32 10.09 50.39
C LEU D 15 11.97 10.83 51.70
N LEU D 16 10.72 11.26 51.78
CA LEU D 16 10.01 11.53 53.03
C LEU D 16 9.97 10.21 53.77
N LEU D 17 9.77 9.13 53.02
CA LEU D 17 9.71 7.80 53.60
C LEU D 17 11.05 7.34 54.16
N LEU D 18 11.97 8.28 54.29
CA LEU D 18 13.16 8.08 55.09
C LEU D 18 12.78 8.27 56.56
N ILE D 19 11.91 9.24 56.84
CA ILE D 19 11.42 9.43 58.21
C ILE D 19 10.29 8.46 58.58
N LYS D 20 9.64 7.87 57.59
CA LYS D 20 8.62 6.89 57.91
C LYS D 20 9.27 5.54 58.22
N ILE D 21 10.50 5.34 57.74
CA ILE D 21 11.29 4.17 58.12
C ILE D 21 11.82 4.36 59.53
N PHE D 22 11.92 5.61 59.97
CA PHE D 22 12.38 5.93 61.32
C PHE D 22 11.24 6.05 62.34
N ALA D 23 10.06 6.46 61.90
CA ALA D 23 8.89 6.50 62.78
C ALA D 23 8.33 5.09 62.97
N TRP D 24 9.17 4.10 62.66
CA TRP D 24 8.95 2.72 63.03
C TRP D 24 9.69 2.54 64.36
N TRP D 25 9.39 1.50 65.14
CA TRP D 25 10.18 1.29 66.37
C TRP D 25 10.42 -0.13 66.87
N TYR D 26 11.69 -0.37 67.18
CA TYR D 26 12.17 -1.57 67.86
C TYR D 26 12.75 -1.17 69.23
N THR D 27 13.68 -0.22 69.23
CA THR D 27 14.32 0.28 70.47
C THR D 27 13.38 1.20 71.28
N GLY D 28 12.34 1.70 70.64
CA GLY D 28 11.22 2.33 71.33
C GLY D 28 10.44 1.24 72.04
N SER D 29 9.47 0.64 71.35
CA SER D 29 8.73 -0.52 71.85
C SER D 29 9.02 -1.77 71.03
N VAL D 30 9.17 -2.89 71.73
CA VAL D 30 9.60 -4.15 71.11
C VAL D 30 8.45 -4.97 70.51
N SER D 31 7.60 -4.32 69.70
CA SER D 31 6.53 -5.01 68.99
C SER D 31 7.05 -5.52 67.65
N ILE D 32 6.25 -6.33 66.96
CA ILE D 32 6.64 -6.87 65.65
C ILE D 32 5.55 -6.74 64.57
N LEU D 33 5.90 -6.05 63.48
CA LEU D 33 5.10 -5.95 62.26
C LEU D 33 6.00 -5.56 61.10
N ALA D 34 5.76 -6.15 59.94
CA ALA D 34 6.69 -6.08 58.82
C ALA D 34 6.43 -4.98 57.78
N ALA D 35 5.49 -4.08 58.05
CA ALA D 35 5.25 -2.91 57.19
C ALA D 35 6.38 -1.89 57.33
N LEU D 36 7.49 -2.32 57.94
CA LEU D 36 8.71 -1.53 58.07
C LEU D 36 9.63 -1.83 56.89
N VAL D 37 9.49 -3.03 56.35
CA VAL D 37 10.25 -3.44 55.18
C VAL D 37 9.63 -2.77 53.97
N ASP D 38 8.30 -2.63 53.99
CA ASP D 38 7.54 -1.94 52.94
C ASP D 38 8.14 -0.58 52.61
N SER D 39 8.45 0.20 53.64
CA SER D 39 9.03 1.51 53.43
C SER D 39 10.56 1.48 53.30
N LEU D 40 11.18 0.37 53.73
CA LEU D 40 12.60 0.18 53.48
C LEU D 40 12.80 -0.10 52.00
N VAL D 41 11.86 -0.82 51.39
CA VAL D 41 11.82 -1.00 49.96
C VAL D 41 11.71 0.39 49.33
N ASP D 42 10.67 1.13 49.74
CA ASP D 42 10.34 2.45 49.18
C ASP D 42 11.51 3.42 49.16
N ILE D 43 12.30 3.41 50.22
CA ILE D 43 13.48 4.29 50.28
C ILE D 43 14.45 3.97 49.14
N GLY D 44 14.73 2.69 48.92
CA GLY D 44 15.57 2.24 47.82
C GLY D 44 14.86 2.45 46.49
N ALA D 45 13.64 1.92 46.40
CA ALA D 45 12.81 2.03 45.20
C ALA D 45 12.73 3.45 44.69
N SER D 46 12.28 4.37 45.54
CA SER D 46 12.06 5.77 45.16
C SER D 46 13.37 6.51 44.91
N LEU D 47 14.43 6.08 45.60
CA LEU D 47 15.77 6.62 45.36
C LEU D 47 16.28 6.30 43.95
N THR D 48 16.04 5.07 43.50
CA THR D 48 16.40 4.64 42.15
C THR D 48 15.68 5.54 41.16
N ASN D 49 14.38 5.70 41.38
CA ASN D 49 13.53 6.56 40.56
C ASN D 49 14.10 8.00 40.43
N LEU D 50 14.69 8.50 41.53
CA LEU D 50 15.38 9.79 41.49
C LEU D 50 16.60 9.74 40.59
N LEU D 51 17.39 8.66 40.69
CA LEU D 51 18.56 8.46 39.85
C LEU D 51 18.21 8.39 38.36
N VAL D 52 17.11 7.68 38.05
CA VAL D 52 16.63 7.53 36.68
C VAL D 52 15.97 8.81 36.11
N VAL D 53 15.19 9.55 36.92
CA VAL D 53 14.64 10.82 36.44
C VAL D 53 15.77 11.81 36.25
N ARG D 54 16.83 11.65 37.02
CA ARG D 54 17.99 12.52 36.89
C ARG D 54 18.73 12.21 35.58
N TYR D 55 18.78 10.93 35.20
CA TYR D 55 19.27 10.50 33.89
C TYR D 55 18.39 11.07 32.77
N SER D 56 17.08 10.85 32.89
CA SER D 56 16.06 11.42 32.01
C SER D 56 16.30 12.89 31.59
N LEU D 57 16.73 13.71 32.55
CA LEU D 57 16.80 15.15 32.31
C LEU D 57 18.07 15.62 31.64
N GLN D 58 19.08 14.75 31.54
CA GLN D 58 20.32 15.11 30.85
C GLN D 58 20.04 15.54 29.41
N PRO D 59 20.73 16.57 28.93
CA PRO D 59 20.51 17.01 27.57
C PRO D 59 21.09 16.03 26.57
N ALA D 60 21.01 16.36 25.28
CA ALA D 60 21.46 15.52 24.20
C ALA D 60 22.90 15.07 24.34
N ASP D 61 23.05 13.80 24.71
CA ASP D 61 24.31 13.09 24.80
C ASP D 61 24.98 13.00 23.44
N ASP D 62 26.20 12.50 23.41
CA ASP D 62 26.82 12.22 22.14
C ASP D 62 26.18 11.00 21.48
N ASN D 63 25.99 9.93 22.25
CA ASN D 63 25.31 8.76 21.69
C ASN D 63 23.86 8.55 22.15
N HIS D 64 23.18 9.64 22.51
CA HIS D 64 21.72 9.67 22.64
C HIS D 64 21.22 10.98 22.04
N SER D 65 21.54 11.22 20.77
CA SER D 65 21.28 12.51 20.12
C SER D 65 19.81 12.94 20.06
N PHE D 66 18.93 12.10 20.60
CA PHE D 66 17.55 12.49 20.88
C PHE D 66 17.46 12.76 22.38
N GLY D 67 16.32 12.55 23.01
CA GLY D 67 16.30 12.70 24.48
C GLY D 67 17.19 11.74 25.27
N HIS D 68 17.08 11.82 26.59
CA HIS D 68 17.23 10.66 27.45
C HIS D 68 15.87 10.50 28.07
N GLY D 69 14.89 11.18 27.46
CA GLY D 69 13.53 11.28 27.98
C GLY D 69 12.82 9.96 28.12
N LYS D 70 13.17 9.03 27.23
CA LYS D 70 12.57 7.69 27.22
C LYS D 70 12.80 6.91 28.53
N ALA D 71 13.89 7.22 29.22
CA ALA D 71 14.18 6.62 30.51
C ALA D 71 12.99 6.76 31.47
N GLU D 72 12.12 7.75 31.23
CA GLU D 72 10.97 7.93 32.11
C GLU D 72 10.00 6.76 31.96
N SER D 73 9.57 6.55 30.73
CA SER D 73 8.61 5.51 30.38
C SER D 73 9.16 4.14 30.72
N LEU D 74 10.48 4.01 30.60
CA LEU D 74 11.18 2.81 30.95
C LEU D 74 11.07 2.53 32.46
N ALA D 75 11.36 3.56 33.27
CA ALA D 75 11.20 3.50 34.73
C ALA D 75 9.74 3.26 35.09
N ALA D 76 8.85 4.01 34.44
CA ALA D 76 7.42 3.85 34.62
C ALA D 76 6.99 2.40 34.39
N LEU D 77 7.53 1.79 33.33
CA LEU D 77 7.25 0.40 33.00
C LEU D 77 7.78 -0.58 34.06
N ALA D 78 9.02 -0.38 34.47
CA ALA D 78 9.66 -1.19 35.49
C ALA D 78 8.88 -1.12 36.80
N GLN D 79 8.41 0.08 37.14
CA GLN D 79 7.60 0.27 38.33
C GLN D 79 6.29 -0.46 38.18
N SER D 80 5.69 -0.30 37.01
CA SER D 80 4.37 -0.83 36.74
C SER D 80 4.29 -2.33 36.99
N MET D 81 5.39 -3.03 36.72
CA MET D 81 5.44 -4.49 36.93
C MET D 81 5.41 -4.87 38.39
N PHE D 82 6.31 -4.28 39.17
CA PHE D 82 6.39 -4.53 40.59
C PHE D 82 5.08 -4.19 41.27
N ILE D 83 4.56 -3.00 41.01
CA ILE D 83 3.25 -2.59 41.52
C ILE D 83 2.16 -3.58 41.10
N SER D 84 2.23 -4.04 39.86
CA SER D 84 1.27 -4.99 39.31
C SER D 84 1.42 -6.34 40.02
N GLY D 85 2.67 -6.70 40.31
CA GLY D 85 2.99 -7.94 41.01
C GLY D 85 2.62 -7.92 42.48
N SER D 86 2.66 -6.73 43.07
CA SER D 86 2.25 -6.56 44.46
C SER D 86 0.73 -6.70 44.59
N ALA D 87 0.02 -6.23 43.57
CA ALA D 87 -1.44 -6.22 43.56
C ALA D 87 -2.05 -7.60 43.31
N LEU D 88 -1.38 -8.43 42.50
CA LEU D 88 -1.79 -9.82 42.29
C LEU D 88 -1.51 -10.64 43.53
N PHE D 89 -0.37 -10.35 44.17
CA PHE D 89 -0.01 -10.92 45.45
C PHE D 89 -1.05 -10.58 46.53
N LEU D 90 -1.66 -9.40 46.41
CA LEU D 90 -2.64 -8.93 47.40
C LEU D 90 -4.07 -9.37 47.10
N PHE D 91 -4.38 -9.58 45.81
CA PHE D 91 -5.70 -10.09 45.40
C PHE D 91 -5.80 -11.59 45.66
N LEU D 92 -4.68 -12.29 45.48
CA LEU D 92 -4.62 -13.73 45.75
C LEU D 92 -4.32 -14.02 47.23
N THR D 93 -4.18 -12.96 48.02
CA THR D 93 -4.25 -13.07 49.48
C THR D 93 -5.64 -12.58 49.90
N GLY D 94 -6.29 -11.86 48.99
CA GLY D 94 -7.66 -11.38 49.19
C GLY D 94 -8.67 -12.51 49.24
N ILE D 95 -8.64 -13.39 48.25
CA ILE D 95 -9.45 -14.62 48.28
C ILE D 95 -8.81 -15.73 49.13
N GLN D 96 -7.52 -15.57 49.46
CA GLN D 96 -6.83 -16.56 50.30
C GLN D 96 -7.43 -16.62 51.70
N HIS D 97 -7.41 -15.52 52.43
CA HIS D 97 -8.18 -15.46 53.67
C HIS D 97 -9.56 -14.82 53.48
N LEU D 98 -10.32 -15.37 52.52
CA LEU D 98 -11.75 -15.13 52.43
C LEU D 98 -12.36 -15.92 53.59
N ILE D 99 -11.74 -15.74 54.76
CA ILE D 99 -11.93 -16.59 55.95
C ILE D 99 -11.73 -18.08 55.61
N SER D 100 -10.64 -18.37 54.91
CA SER D 100 -10.19 -19.76 54.70
C SER D 100 -9.29 -20.19 55.86
N PRO D 101 -8.23 -19.42 56.18
CA PRO D 101 -7.73 -19.50 57.54
C PRO D 101 -8.74 -18.83 58.49
N THR D 102 -8.51 -17.56 58.80
CA THR D 102 -9.42 -16.74 59.63
C THR D 102 -9.01 -15.28 59.55
N PRO D 103 -9.86 -14.35 60.03
CA PRO D 103 -9.40 -13.00 60.34
C PRO D 103 -8.33 -13.07 61.44
N MET D 104 -7.09 -13.29 61.01
CA MET D 104 -6.00 -13.66 61.91
C MET D 104 -5.29 -12.49 62.57
N THR D 105 -5.20 -11.36 61.86
CA THR D 105 -4.59 -10.15 62.40
C THR D 105 -5.44 -9.60 63.55
N ASP D 106 -5.17 -10.12 64.74
CA ASP D 106 -5.96 -9.82 65.94
C ASP D 106 -5.22 -8.97 66.98
N PRO D 107 -3.87 -9.08 67.04
CA PRO D 107 -3.14 -8.23 67.99
C PRO D 107 -3.39 -6.74 67.74
N GLY D 108 -4.19 -6.13 68.61
CA GLY D 108 -4.46 -4.69 68.54
C GLY D 108 -3.29 -3.90 69.07
N VAL D 109 -2.16 -4.00 68.37
CA VAL D 109 -0.89 -3.39 68.78
C VAL D 109 -0.90 -1.85 68.66
N GLY D 110 0.27 -1.23 68.87
CA GLY D 110 0.43 0.21 68.72
C GLY D 110 0.19 0.69 67.30
N VAL D 111 -1.08 0.93 66.98
CA VAL D 111 -1.52 1.30 65.62
C VAL D 111 -1.24 2.77 65.32
N ILE D 112 -0.53 3.43 66.23
CA ILE D 112 -0.17 4.84 66.06
C ILE D 112 0.74 5.08 64.85
N VAL D 113 1.49 4.05 64.47
CA VAL D 113 2.33 4.12 63.29
C VAL D 113 1.49 4.26 62.03
N THR D 114 0.51 3.36 61.84
CA THR D 114 -0.24 3.30 60.59
C THR D 114 -1.19 4.49 60.42
N ILE D 115 -1.54 5.16 61.51
CA ILE D 115 -2.33 6.39 61.38
C ILE D 115 -1.43 7.57 61.02
N VAL D 116 -0.20 7.57 61.53
CA VAL D 116 0.79 8.56 61.12
C VAL D 116 1.19 8.28 59.67
N ALA D 117 1.50 7.02 59.39
CA ALA D 117 1.84 6.56 58.04
C ALA D 117 0.82 7.04 57.03
N LEU D 118 -0.45 6.79 57.31
CA LEU D 118 -1.54 7.23 56.45
C LEU D 118 -1.42 8.71 56.10
N ILE D 119 -1.32 9.56 57.13
CA ILE D 119 -1.26 11.01 56.96
C ILE D 119 -0.07 11.48 56.10
N CYS D 120 1.14 11.08 56.49
CA CYS D 120 2.37 11.40 55.78
C CYS D 120 2.26 11.03 54.30
N THR D 121 1.72 9.84 54.05
CA THR D 121 1.58 9.31 52.69
C THR D 121 0.49 10.04 51.93
N ILE D 122 -0.63 10.33 52.59
CA ILE D 122 -1.71 11.14 52.01
C ILE D 122 -1.13 12.46 51.51
N ILE D 123 -0.33 13.10 52.37
CA ILE D 123 0.38 14.33 52.01
C ILE D 123 1.23 14.15 50.75
N LEU D 124 2.19 13.22 50.81
CA LEU D 124 3.08 12.93 49.69
C LEU D 124 2.30 12.73 48.39
N VAL D 125 1.31 11.85 48.42
CA VAL D 125 0.48 11.54 47.25
C VAL D 125 -0.13 12.81 46.68
N SER D 126 -0.52 13.74 47.54
CA SER D 126 -1.09 15.00 47.07
C SER D 126 -0.06 15.85 46.34
N PHE D 127 1.16 15.90 46.86
CA PHE D 127 2.22 16.67 46.22
C PHE D 127 2.51 16.08 44.86
N GLN D 128 2.69 14.76 44.82
CA GLN D 128 2.91 14.03 43.58
C GLN D 128 1.75 14.27 42.62
N ARG D 129 0.53 14.18 43.13
CA ARG D 129 -0.65 14.43 42.31
C ARG D 129 -0.64 15.86 41.80
N TRP D 130 -0.05 16.79 42.55
CA TRP D 130 0.07 18.16 42.09
C TRP D 130 1.14 18.28 41.00
N VAL D 131 2.25 17.56 41.19
CA VAL D 131 3.32 17.54 40.19
C VAL D 131 2.88 16.87 38.89
N VAL D 132 2.13 15.78 39.01
CA VAL D 132 1.60 15.07 37.83
C VAL D 132 0.68 15.97 37.01
N ARG D 133 -0.18 16.73 37.69
CA ARG D 133 -1.13 17.63 37.02
C ARG D 133 -0.44 18.82 36.34
N ARG D 134 0.77 19.13 36.79
CA ARG D 134 1.50 20.32 36.41
C ARG D 134 2.50 19.97 35.33
N THR D 135 3.07 18.77 35.45
CA THR D 135 4.02 18.24 34.47
C THR D 135 3.76 16.75 34.31
N GLN D 136 3.38 16.35 33.10
CA GLN D 136 2.77 15.03 32.86
C GLN D 136 3.57 13.77 33.18
N SER D 137 4.81 13.95 33.64
CA SER D 137 5.73 12.89 34.02
C SER D 137 5.12 11.55 34.40
N GLN D 138 5.31 10.55 33.54
CA GLN D 138 4.92 9.16 33.81
C GLN D 138 5.74 8.59 34.96
N ALA D 139 6.98 9.05 35.07
CA ALA D 139 7.92 8.57 36.05
C ALA D 139 7.40 8.81 37.47
N VAL D 140 6.85 10.01 37.70
CA VAL D 140 6.32 10.35 39.01
C VAL D 140 4.92 9.78 39.18
N ARG D 141 4.19 9.64 38.08
CA ARG D 141 2.83 9.09 38.12
C ARG D 141 2.85 7.62 38.49
N ALA D 142 3.88 6.93 38.01
CA ALA D 142 4.13 5.54 38.37
C ALA D 142 4.44 5.44 39.85
N ASP D 143 5.39 6.26 40.31
CA ASP D 143 5.82 6.27 41.72
C ASP D 143 4.62 6.55 42.62
N MET D 144 3.81 7.51 42.21
CA MET D 144 2.61 7.88 42.93
C MET D 144 1.65 6.70 43.06
N LEU D 145 1.44 5.95 41.99
CA LEU D 145 0.53 4.80 42.03
C LEU D 145 0.87 3.82 43.15
N HIS D 146 2.16 3.66 43.44
CA HIS D 146 2.54 2.81 44.56
C HIS D 146 2.05 3.37 45.88
N TYR D 147 2.21 4.68 46.07
CA TYR D 147 1.86 5.36 47.32
C TYR D 147 0.36 5.51 47.49
N GLN D 148 -0.37 5.55 46.39
CA GLN D 148 -1.82 5.47 46.43
C GLN D 148 -2.26 4.13 47.00
N SER D 149 -1.45 3.10 46.78
CA SER D 149 -1.67 1.77 47.37
C SER D 149 -1.36 1.78 48.87
N ASP D 150 -0.20 2.31 49.24
CA ASP D 150 0.17 2.47 50.65
C ASP D 150 -0.89 3.25 51.42
N VAL D 151 -1.46 4.26 50.78
CA VAL D 151 -2.53 5.09 51.35
C VAL D 151 -3.80 4.29 51.65
N MET D 152 -3.97 3.16 50.95
CA MET D 152 -5.07 2.25 51.23
C MET D 152 -4.66 1.30 52.36
N MET D 153 -4.44 1.92 53.51
CA MET D 153 -3.97 1.28 54.74
C MET D 153 -5.14 1.21 55.71
N ASN D 154 -5.31 0.05 56.34
CA ASN D 154 -6.52 -0.20 57.08
C ASN D 154 -6.47 -0.36 58.60
N GLY D 155 -6.54 0.80 59.24
CA GLY D 155 -7.11 0.92 60.57
C GLY D 155 -8.55 1.36 60.36
N ALA D 156 -9.06 1.12 59.15
CA ALA D 156 -10.48 1.21 58.87
C ALA D 156 -11.08 -0.17 59.11
N ILE D 157 -10.29 -1.01 59.78
CA ILE D 157 -10.77 -2.29 60.31
C ILE D 157 -11.56 -2.04 61.60
N LEU D 158 -12.87 -2.24 61.50
CA LEU D 158 -13.79 -1.99 62.61
C LEU D 158 -13.45 -2.86 63.82
N LEU D 159 -13.51 -2.26 65.01
CA LEU D 159 -13.37 -2.99 66.26
C LEU D 159 -14.73 -3.15 66.96
N ALA D 160 -15.52 -2.08 66.94
CA ALA D 160 -16.86 -2.05 67.56
C ALA D 160 -17.83 -2.95 66.80
N LEU D 161 -18.27 -2.49 65.62
CA LEU D 161 -19.05 -3.32 64.72
C LEU D 161 -18.24 -4.56 64.34
N GLY D 162 -16.93 -4.34 64.11
CA GLY D 162 -15.96 -5.40 63.86
C GLY D 162 -16.30 -6.34 62.74
N LEU D 163 -16.09 -7.63 62.99
CA LEU D 163 -16.61 -8.70 62.14
C LEU D 163 -18.12 -8.72 62.36
N SER D 164 -18.89 -8.87 61.29
CA SER D 164 -20.35 -8.85 61.37
C SER D 164 -20.93 -10.08 62.06
N TRP D 165 -22.20 -9.98 62.46
CA TRP D 165 -22.92 -11.07 63.15
C TRP D 165 -22.91 -12.35 62.30
N TYR D 166 -22.41 -13.43 62.89
CA TYR D 166 -22.08 -14.67 62.16
C TYR D 166 -23.24 -15.33 61.42
N GLY D 167 -22.88 -16.01 60.33
CA GLY D 167 -23.84 -16.40 59.29
C GLY D 167 -23.69 -15.45 58.13
N TRP D 168 -23.06 -14.32 58.41
CA TRP D 168 -22.77 -13.27 57.43
C TRP D 168 -21.39 -12.72 57.77
N HIS D 169 -20.36 -13.53 57.48
CA HIS D 169 -18.99 -13.31 57.94
C HIS D 169 -18.30 -12.05 57.40
N ARG D 170 -17.28 -11.58 58.11
CA ARG D 170 -16.60 -10.32 57.77
C ARG D 170 -15.12 -10.33 58.21
N ALA D 171 -14.26 -9.82 57.33
CA ALA D 171 -12.82 -9.76 57.58
C ALA D 171 -12.14 -8.67 56.73
N ASP D 172 -10.83 -8.84 56.51
CA ASP D 172 -10.05 -7.95 55.65
C ASP D 172 -10.29 -8.26 54.18
N ALA D 173 -10.84 -9.45 53.91
CA ALA D 173 -11.06 -9.96 52.56
C ALA D 173 -11.61 -8.93 51.59
N LEU D 174 -12.85 -8.48 51.83
CA LEU D 174 -13.53 -7.52 50.95
C LEU D 174 -12.72 -6.25 50.69
N PHE D 175 -11.80 -5.93 51.60
CA PHE D 175 -10.95 -4.75 51.50
C PHE D 175 -9.58 -5.07 50.89
N ALA D 176 -8.95 -6.15 51.34
CA ALA D 176 -7.66 -6.58 50.82
C ALA D 176 -7.76 -7.13 49.39
N LEU D 177 -8.94 -7.59 49.03
CA LEU D 177 -9.24 -8.08 47.69
C LEU D 177 -9.59 -6.93 46.76
N GLY D 178 -10.49 -6.04 47.23
CA GLY D 178 -10.97 -4.89 46.47
C GLY D 178 -9.90 -3.90 46.06
N ILE D 179 -8.87 -3.79 46.90
CA ILE D 179 -7.68 -3.00 46.57
C ILE D 179 -6.85 -3.77 45.53
N GLY D 180 -6.63 -5.06 45.79
CA GLY D 180 -5.90 -5.95 44.88
C GLY D 180 -6.35 -5.86 43.43
N ILE D 181 -7.67 -5.77 43.22
CA ILE D 181 -8.22 -5.56 41.88
C ILE D 181 -7.87 -4.16 41.37
N TYR D 182 -8.37 -3.14 42.07
CA TYR D 182 -8.27 -1.76 41.60
C TYR D 182 -6.84 -1.32 41.34
N ILE D 183 -5.89 -1.75 42.17
CA ILE D 183 -4.50 -1.40 41.96
C ILE D 183 -3.90 -2.16 40.77
N LEU D 184 -4.18 -3.46 40.66
CA LEU D 184 -3.68 -4.27 39.54
C LEU D 184 -4.15 -3.74 38.18
N TYR D 185 -5.41 -3.36 38.13
CA TYR D 185 -5.99 -2.73 36.94
C TYR D 185 -5.29 -1.40 36.64
N SER D 186 -5.12 -0.59 37.69
CA SER D 186 -4.47 0.71 37.55
C SER D 186 -3.00 0.60 37.17
N ALA D 187 -2.38 -0.52 37.55
CA ALA D 187 -0.96 -0.74 37.30
C ALA D 187 -0.71 -1.32 35.92
N LEU D 188 -1.75 -1.88 35.33
CA LEU D 188 -1.64 -2.39 33.97
C LEU D 188 -1.94 -1.29 32.95
N ARG D 189 -3.05 -0.58 33.18
CA ARG D 189 -3.38 0.63 32.42
C ARG D 189 -2.17 1.60 32.41
N MET D 190 -1.45 1.61 33.53
CA MET D 190 -0.25 2.41 33.71
C MET D 190 0.86 1.93 32.78
N GLY D 191 1.15 0.64 32.83
CA GLY D 191 2.30 0.05 32.13
C GLY D 191 2.11 -0.04 30.63
N TYR D 192 0.85 -0.11 30.21
CA TYR D 192 0.51 -0.11 28.80
C TYR D 192 0.88 1.23 28.18
N GLU D 193 0.40 2.32 28.80
CA GLU D 193 0.79 3.66 28.42
C GLU D 193 2.30 3.78 28.28
N ALA D 194 3.01 3.10 29.18
CA ALA D 194 4.46 3.09 29.18
C ALA D 194 5.02 2.41 27.93
N VAL D 195 4.50 1.24 27.60
CA VAL D 195 4.97 0.55 26.37
C VAL D 195 4.58 1.34 25.13
N GLN D 196 3.35 1.87 25.14
CA GLN D 196 2.88 2.69 24.05
C GLN D 196 3.78 3.89 23.80
N SER D 197 4.50 4.35 24.81
CA SER D 197 5.43 5.44 24.63
C SER D 197 6.79 4.94 24.19
N LEU D 198 7.10 3.70 24.57
CA LEU D 198 8.38 3.08 24.21
C LEU D 198 8.42 2.70 22.73
N LEU D 199 7.29 2.22 22.22
CA LEU D 199 6.95 2.29 20.80
C LEU D 199 6.69 3.78 20.58
N ASP D 200 7.22 4.37 19.53
CA ASP D 200 7.09 5.80 19.35
C ASP D 200 5.66 6.15 18.91
N ARG D 201 4.70 6.02 19.83
CA ARG D 201 3.30 6.38 19.54
C ARG D 201 3.10 7.88 19.32
N ALA D 202 2.23 8.22 18.38
CA ALA D 202 2.00 9.63 18.03
C ALA D 202 1.25 10.39 19.12
N LEU D 203 1.37 11.71 19.10
CA LEU D 203 0.68 12.57 20.05
C LEU D 203 -0.83 12.48 19.82
N PRO D 204 -1.62 12.82 20.85
CA PRO D 204 -3.08 12.78 20.75
C PRO D 204 -3.63 13.63 19.61
N ASP D 205 -4.72 13.18 19.00
CA ASP D 205 -5.29 13.84 17.84
C ASP D 205 -5.48 15.34 17.99
N GLU D 206 -5.89 15.77 19.18
CA GLU D 206 -6.02 17.19 19.49
C GLU D 206 -4.73 17.96 19.14
N GLU D 207 -3.60 17.48 19.65
CA GLU D 207 -2.30 18.17 19.47
C GLU D 207 -1.88 18.11 18.02
N ARG D 208 -2.09 16.94 17.43
CA ARG D 208 -1.76 16.71 16.04
C ARG D 208 -2.56 17.65 15.15
N GLN D 209 -3.82 17.88 15.51
CA GLN D 209 -4.68 18.79 14.79
C GLN D 209 -4.21 20.25 14.89
N GLU D 210 -3.81 20.66 16.09
CA GLU D 210 -3.36 22.02 16.34
C GLU D 210 -2.09 22.34 15.54
N ILE D 211 -1.14 21.40 15.52
CA ILE D 211 0.09 21.55 14.72
C ILE D 211 -0.27 21.72 13.27
N ILE D 212 -1.25 20.95 12.80
CA ILE D 212 -1.61 21.04 11.39
C ILE D 212 -2.19 22.41 11.07
N ASP D 213 -2.92 22.98 12.02
CA ASP D 213 -3.59 24.26 11.84
C ASP D 213 -2.66 25.47 11.89
N ILE D 214 -1.72 25.43 12.83
CA ILE D 214 -0.63 26.40 12.92
C ILE D 214 0.14 26.46 11.61
N VAL D 215 0.48 25.29 11.09
CA VAL D 215 1.35 25.18 9.93
C VAL D 215 0.69 25.71 8.67
N THR D 216 -0.53 25.24 8.41
CA THR D 216 -1.16 25.43 7.10
C THR D 216 -1.70 26.83 6.87
N SER D 217 -1.99 27.53 7.96
CA SER D 217 -2.56 28.86 7.90
C SER D 217 -1.49 29.94 7.78
N TRP D 218 -0.29 29.64 8.28
CA TRP D 218 0.85 30.53 8.16
C TRP D 218 1.11 30.95 6.70
N PRO D 219 1.29 32.27 6.45
CA PRO D 219 1.52 32.91 5.17
C PRO D 219 2.26 32.15 4.07
N GLY D 220 3.57 31.94 4.18
CA GLY D 220 4.30 31.28 3.09
C GLY D 220 3.81 29.92 2.62
N VAL D 221 3.31 29.12 3.56
CA VAL D 221 3.06 27.71 3.28
C VAL D 221 1.86 27.50 2.38
N SER D 222 2.07 26.69 1.34
CA SER D 222 1.02 26.35 0.39
C SER D 222 0.39 25.08 0.84
N GLY D 223 1.16 24.26 1.53
CA GLY D 223 0.66 23.02 2.09
C GLY D 223 1.63 22.37 3.04
N ALA D 224 1.15 21.35 3.75
CA ALA D 224 1.99 20.55 4.60
C ALA D 224 1.51 19.14 4.48
N HIS D 225 2.43 18.19 4.28
CA HIS D 225 1.94 16.84 4.08
C HIS D 225 2.38 15.84 5.14
N ASP D 226 3.54 15.23 4.96
CA ASP D 226 3.92 14.13 5.82
C ASP D 226 4.19 14.69 7.23
N LEU D 227 3.37 14.32 8.21
CA LEU D 227 3.53 14.87 9.55
C LEU D 227 3.64 13.79 10.59
N ARG D 228 4.85 13.61 11.08
CA ARG D 228 5.14 12.57 12.04
C ARG D 228 5.50 13.10 13.42
N THR D 229 4.82 12.57 14.43
CA THR D 229 4.92 13.06 15.82
C THR D 229 5.20 11.93 16.80
N ARG D 230 5.75 12.29 17.95
CA ARG D 230 5.99 11.35 19.06
C ARG D 230 6.60 12.16 20.18
N GLN D 231 6.48 11.71 21.43
CA GLN D 231 7.26 12.36 22.48
C GLN D 231 8.06 11.42 23.35
N SER D 232 9.29 11.80 23.65
CA SER D 232 10.14 11.04 24.51
C SER D 232 10.23 11.81 25.83
N GLY D 233 9.46 11.34 26.82
CA GLY D 233 9.32 12.04 28.11
C GLY D 233 8.59 13.35 27.95
N PRO D 234 9.21 14.45 28.41
CA PRO D 234 8.55 15.75 28.40
C PRO D 234 8.53 16.35 27.01
N THR D 235 9.58 16.09 26.22
CA THR D 235 9.77 16.79 24.95
C THR D 235 9.06 16.10 23.78
N ARG D 236 8.39 16.89 22.95
CA ARG D 236 7.70 16.36 21.77
C ARG D 236 8.60 16.46 20.56
N PHE D 237 8.59 15.42 19.74
CA PHE D 237 9.31 15.42 18.47
C PHE D 237 8.33 15.61 17.32
N ILE D 238 8.71 16.46 16.37
CA ILE D 238 7.79 16.83 15.28
C ILE D 238 8.56 16.95 13.98
N GLN D 239 8.14 16.16 12.99
CA GLN D 239 8.62 16.38 11.62
C GLN D 239 7.44 16.67 10.69
N ILE D 240 7.66 17.56 9.75
CA ILE D 240 6.63 17.87 8.78
C ILE D 240 7.28 18.23 7.44
N HIS D 241 6.51 18.10 6.36
CA HIS D 241 6.97 18.52 5.06
C HIS D 241 6.19 19.77 4.75
N LEU D 242 6.88 20.78 4.27
CA LEU D 242 6.24 22.04 3.98
C LEU D 242 6.32 22.27 2.50
N GLU D 243 5.18 22.58 1.89
CA GLU D 243 5.16 22.93 0.49
C GLU D 243 5.23 24.43 0.28
N MET D 244 6.21 24.87 -0.49
CA MET D 244 6.27 26.29 -0.88
C MET D 244 6.58 26.46 -2.37
N GLU D 245 6.53 27.69 -2.88
CA GLU D 245 6.64 27.93 -4.32
C GLU D 245 7.95 27.47 -4.95
N ASP D 246 7.82 26.79 -6.09
CA ASP D 246 8.94 26.20 -6.81
C ASP D 246 10.12 27.14 -6.93
N SER D 247 9.81 28.39 -7.27
CA SER D 247 10.77 29.39 -7.68
C SER D 247 11.49 30.10 -6.55
N LEU D 248 10.92 30.07 -5.35
CA LEU D 248 11.51 30.72 -4.17
C LEU D 248 12.97 30.35 -3.99
N PRO D 249 13.85 31.33 -3.74
CA PRO D 249 15.22 30.99 -3.44
C PRO D 249 15.30 30.30 -2.07
N LEU D 250 16.32 29.47 -1.86
CA LEU D 250 16.43 28.69 -0.62
C LEU D 250 16.28 29.61 0.56
N VAL D 251 17.07 30.69 0.56
CA VAL D 251 17.17 31.61 1.71
C VAL D 251 15.80 32.11 2.18
N GLN D 252 14.89 32.31 1.25
CA GLN D 252 13.55 32.78 1.56
C GLN D 252 12.63 31.63 1.93
N ALA D 253 12.83 30.48 1.33
CA ALA D 253 12.06 29.29 1.67
C ALA D 253 12.41 28.85 3.10
N HIS D 254 13.70 28.94 3.45
CA HIS D 254 14.18 28.55 4.77
C HIS D 254 13.60 29.47 5.82
N MET D 255 13.33 30.70 5.40
CA MET D 255 12.78 31.69 6.28
C MET D 255 11.37 31.37 6.71
N VAL D 256 10.48 31.06 5.76
CA VAL D 256 9.12 30.67 6.13
C VAL D 256 9.18 29.37 6.93
N ALA D 257 10.13 28.51 6.57
CA ALA D 257 10.33 27.28 7.31
C ALA D 257 10.53 27.59 8.79
N ASP D 258 11.43 28.53 9.08
CA ASP D 258 11.72 28.95 10.44
C ASP D 258 10.57 29.70 11.09
N GLN D 259 9.94 30.59 10.35
CA GLN D 259 8.72 31.20 10.83
C GLN D 259 7.81 30.09 11.38
N VAL D 260 7.49 29.08 10.55
CA VAL D 260 6.63 27.98 10.95
C VAL D 260 7.19 27.17 12.13
N GLU D 261 8.51 26.90 12.12
CA GLU D 261 9.13 26.13 13.17
C GLU D 261 8.87 26.79 14.51
N GLN D 262 8.99 28.10 14.51
CA GLN D 262 8.86 28.89 15.69
C GLN D 262 7.41 29.05 16.11
N ALA D 263 6.50 29.06 15.14
CA ALA D 263 5.07 29.09 15.44
C ALA D 263 4.63 27.82 16.21
N ILE D 264 5.19 26.66 15.83
CA ILE D 264 4.99 25.42 16.59
C ILE D 264 5.59 25.53 18.00
N LEU D 265 6.84 25.99 18.06
CA LEU D 265 7.57 26.12 19.30
C LEU D 265 6.87 27.06 20.28
N ARG D 266 6.15 28.04 19.74
CA ARG D 266 5.37 28.94 20.55
C ARG D 266 4.28 28.12 21.24
N ARG D 267 3.43 27.48 20.45
CA ARG D 267 2.28 26.73 20.94
C ARG D 267 2.61 25.47 21.76
N PHE D 268 3.74 24.84 21.47
CA PHE D 268 4.24 23.71 22.27
C PHE D 268 5.70 23.95 22.58
N PRO D 269 5.99 24.70 23.66
CA PRO D 269 7.36 24.99 24.03
C PRO D 269 8.06 23.71 24.49
N GLY D 270 9.39 23.69 24.37
CA GLY D 270 10.19 22.54 24.76
C GLY D 270 10.31 21.47 23.68
N SER D 271 9.44 21.56 22.67
CA SER D 271 9.42 20.64 21.52
C SER D 271 10.62 20.71 20.62
N ASP D 272 10.79 19.64 19.83
CA ASP D 272 11.84 19.54 18.83
C ASP D 272 11.27 19.27 17.43
N VAL D 273 11.35 20.25 16.54
CA VAL D 273 10.79 20.08 15.20
C VAL D 273 11.87 20.07 14.15
N ILE D 274 11.55 19.48 13.00
CA ILE D 274 12.41 19.53 11.82
C ILE D 274 11.48 19.63 10.62
N ILE D 275 11.75 20.60 9.75
CA ILE D 275 10.88 20.85 8.61
C ILE D 275 11.64 20.42 7.40
N HIS D 276 11.01 19.62 6.55
CA HIS D 276 11.58 19.32 5.24
C HIS D 276 10.83 20.12 4.20
N GLN D 277 11.52 21.01 3.48
CA GLN D 277 10.77 21.86 2.56
C GLN D 277 10.79 21.41 1.09
N ASP D 278 9.56 21.09 0.63
CA ASP D 278 9.20 20.53 -0.68
C ASP D 278 8.61 21.64 -1.57
N PRO D 279 8.93 21.66 -2.88
CA PRO D 279 8.34 22.62 -3.81
C PRO D 279 6.90 22.22 -4.23
N CYS D 280 6.67 21.99 -5.51
CA CYS D 280 5.47 21.23 -5.92
C CYS D 280 5.80 20.04 -6.84
N SER D 281 5.84 18.90 -6.19
CA SER D 281 6.18 17.62 -6.72
C SER D 281 5.39 16.71 -5.79
N VAL D 282 4.06 16.84 -5.89
CA VAL D 282 3.09 16.12 -5.06
C VAL D 282 1.79 16.06 -5.84
N VAL D 283 0.85 15.20 -5.43
CA VAL D 283 -0.46 15.13 -6.11
C VAL D 283 -1.17 16.49 -6.20
HG HG E . 29.98 15.02 -22.12
HG HG F . -28.15 -0.17 0.21
ZN ZN G . -29.02 2.14 -13.82
ZN ZN H . 22.31 6.25 -29.11
ZN ZN I . -1.73 -11.07 -21.04
ZN ZN J . 20.21 9.70 -28.37
HG HG K . 27.21 28.08 0.24
HG HG L . 14.32 -32.05 16.10
ZN ZN M . 13.17 -24.56 27.50
ZN ZN N . 17.36 25.52 9.34
ZN ZN O . 0.14 0.80 15.07
ZN ZN P . 20.85 23.73 10.61
HG HG Q . 30.49 -9.44 -20.10
HG HG R . -18.04 1.38 -60.26
ZN ZN S . 20.22 -1.56 -15.98
ZN ZN T . -0.90 14.23 -31.69
ZN ZN U . 18.87 -4.88 -17.27
ZN ZN V . -23.20 -0.79 -47.39
HG HG W . 2.92 26.56 -4.72
HG HG X . 4.58 13.87 56.84
ZN ZN Y . 10.73 16.20 -0.51
ZN ZN Z . 23.50 9.72 26.85
ZN ZN AA . 7.30 15.71 0.73
ZN ZN BA . 5.30 1.62 50.37
#